data_1FRY
#
_entry.id   1FRY
#
_entity_poly.entity_id   1
_entity_poly.type   'polypeptide(L)'
_entity_poly.pdbx_seq_one_letter_code
;RGLRRLGRKIAHGVKKYGPTVLRIIRIAG
;
_entity_poly.pdbx_strand_id   A
#
# COMPACT_ATOMS: atom_id res chain seq x y z
N ARG A 1 8.30 -9.00 -8.49
CA ARG A 1 7.14 -8.64 -7.70
C ARG A 1 7.06 -9.48 -6.43
N GLY A 2 8.06 -9.33 -5.58
CA GLY A 2 8.12 -10.07 -4.34
C GLY A 2 8.23 -9.12 -3.13
N LEU A 3 9.11 -8.14 -3.28
CA LEU A 3 9.33 -7.17 -2.23
C LEU A 3 7.98 -6.79 -1.61
N ARG A 4 8.01 -6.50 -0.31
CA ARG A 4 6.81 -6.13 0.40
C ARG A 4 7.17 -5.35 1.68
N ARG A 5 8.17 -4.50 1.55
CA ARG A 5 8.62 -3.70 2.68
C ARG A 5 9.86 -2.88 2.29
N LEU A 6 10.65 -3.46 1.40
CA LEU A 6 11.85 -2.79 0.94
C LEU A 6 11.47 -1.54 0.15
N GLY A 7 10.24 -1.53 -0.33
CA GLY A 7 9.73 -0.41 -1.10
C GLY A 7 8.27 -0.62 -1.48
N ARG A 8 7.93 -1.87 -1.77
CA ARG A 8 6.57 -2.21 -2.14
C ARG A 8 5.71 -2.43 -0.89
N LYS A 9 5.50 -1.35 -0.16
CA LYS A 9 4.71 -1.42 1.05
C LYS A 9 3.92 -0.11 1.21
N ILE A 10 4.63 0.99 1.07
CA ILE A 10 4.01 2.30 1.19
C ILE A 10 2.83 2.39 0.22
N ALA A 11 3.12 2.20 -1.05
CA ALA A 11 2.09 2.26 -2.07
C ALA A 11 1.43 0.89 -2.21
N HIS A 12 1.43 0.37 -3.43
CA HIS A 12 0.84 -0.92 -3.71
C HIS A 12 -0.54 -1.01 -3.05
N GLY A 13 -1.56 -1.06 -3.89
CA GLY A 13 -2.93 -1.14 -3.41
C GLY A 13 -3.59 0.25 -3.37
N VAL A 14 -2.79 1.25 -3.73
CA VAL A 14 -3.29 2.62 -3.75
C VAL A 14 -2.83 3.29 -5.04
N LYS A 15 -1.56 3.10 -5.37
CA LYS A 15 -1.00 3.69 -6.57
C LYS A 15 -1.57 2.96 -7.79
N LYS A 16 -1.88 1.69 -7.60
CA LYS A 16 -2.42 0.88 -8.68
C LYS A 16 -3.90 0.60 -8.39
N TYR A 17 -4.21 0.40 -7.12
CA TYR A 17 -5.57 0.13 -6.72
C TYR A 17 -6.36 1.43 -6.53
N GLY A 18 -6.01 2.14 -5.47
CA GLY A 18 -6.68 3.40 -5.16
C GLY A 18 -6.83 3.59 -3.64
N PRO A 19 -7.27 2.49 -2.97
CA PRO A 19 -7.46 2.52 -1.53
C PRO A 19 -6.11 2.47 -0.80
N THR A 20 -5.68 1.25 -0.51
CA THR A 20 -4.42 1.05 0.18
C THR A 20 -4.24 -0.43 0.54
N VAL A 21 -5.37 -1.12 0.68
CA VAL A 21 -5.34 -2.52 1.01
C VAL A 21 -4.39 -3.26 0.07
N LEU A 22 -4.42 -4.59 0.15
CA LEU A 22 -3.57 -5.41 -0.69
C LEU A 22 -2.33 -5.83 0.11
N ARG A 23 -1.39 -4.90 0.20
CA ARG A 23 -0.15 -5.16 0.92
C ARG A 23 -0.37 -4.98 2.42
N ILE A 24 -1.64 -4.83 2.79
CA ILE A 24 -2.00 -4.66 4.19
C ILE A 24 -3.13 -5.61 4.54
N ILE A 25 -4.12 -5.66 3.66
CA ILE A 25 -5.26 -6.53 3.86
C ILE A 25 -5.23 -7.67 2.86
N ARG A 26 -4.54 -7.43 1.76
CA ARG A 26 -4.41 -8.43 0.71
C ARG A 26 -5.76 -9.10 0.44
N ILE A 27 -6.81 -8.42 0.90
CA ILE A 27 -8.16 -8.93 0.71
C ILE A 27 -8.97 -7.92 -0.10
N ALA A 28 -8.95 -6.68 0.37
CA ALA A 28 -9.68 -5.62 -0.29
C ALA A 28 -11.18 -5.93 -0.26
N GLY A 29 -11.60 -6.53 0.84
CA GLY A 29 -13.00 -6.89 1.02
C GLY A 29 -13.65 -7.24 -0.33
N ARG A 1 11.63 -1.18 -7.23
CA ARG A 1 11.19 -2.56 -7.18
C ARG A 1 11.00 -3.01 -5.72
N GLY A 2 12.11 -3.02 -5.00
CA GLY A 2 12.09 -3.43 -3.59
C GLY A 2 11.56 -4.86 -3.45
N LEU A 3 11.22 -5.20 -2.22
CA LEU A 3 10.71 -6.53 -1.93
C LEU A 3 9.37 -6.41 -1.21
N ARG A 4 9.34 -5.54 -0.20
CA ARG A 4 8.13 -5.32 0.57
C ARG A 4 8.37 -4.22 1.60
N ARG A 5 9.15 -3.22 1.19
CA ARG A 5 9.44 -2.11 2.07
C ARG A 5 10.29 -1.07 1.34
N LEU A 6 11.16 -1.56 0.48
CA LEU A 6 12.04 -0.69 -0.30
C LEU A 6 11.19 0.13 -1.28
N GLY A 7 10.11 -0.49 -1.73
CA GLY A 7 9.22 0.17 -2.66
C GLY A 7 8.06 -0.75 -3.05
N ARG A 8 7.60 -1.51 -2.06
CA ARG A 8 6.49 -2.43 -2.28
C ARG A 8 5.65 -2.57 -1.01
N LYS A 9 5.71 -1.53 -0.19
CA LYS A 9 4.96 -1.51 1.06
C LYS A 9 4.22 -0.18 1.18
N ILE A 10 4.97 0.89 0.97
CA ILE A 10 4.41 2.23 1.06
C ILE A 10 3.22 2.34 0.12
N ALA A 11 3.48 2.13 -1.16
CA ALA A 11 2.43 2.20 -2.16
C ALA A 11 1.75 0.84 -2.27
N HIS A 12 1.70 0.33 -3.50
CA HIS A 12 1.07 -0.95 -3.75
C HIS A 12 -0.29 -1.00 -3.06
N GLY A 13 -1.33 -1.04 -3.87
CA GLY A 13 -2.69 -1.09 -3.35
C GLY A 13 -3.33 0.31 -3.33
N VAL A 14 -2.51 1.29 -3.67
CA VAL A 14 -2.98 2.67 -3.70
C VAL A 14 -2.56 3.32 -5.02
N LYS A 15 -1.31 3.10 -5.39
CA LYS A 15 -0.78 3.66 -6.62
C LYS A 15 -1.43 2.96 -7.82
N LYS A 16 -1.80 1.70 -7.59
CA LYS A 16 -2.43 0.92 -8.63
C LYS A 16 -3.90 0.66 -8.26
N TYR A 17 -4.12 0.49 -6.96
CA TYR A 17 -5.47 0.23 -6.47
C TYR A 17 -6.20 1.55 -6.20
N GLY A 18 -5.83 2.18 -5.10
CA GLY A 18 -6.45 3.44 -4.72
C GLY A 18 -7.19 3.31 -3.39
N PRO A 19 -7.77 2.10 -3.17
CA PRO A 19 -8.51 1.83 -1.94
C PRO A 19 -7.56 1.63 -0.77
N THR A 20 -6.33 1.25 -1.09
CA THR A 20 -5.33 1.02 -0.07
C THR A 20 -5.58 1.91 1.14
N VAL A 21 -5.75 3.20 0.87
CA VAL A 21 -6.00 4.16 1.92
C VAL A 21 -7.17 3.67 2.79
N LEU A 22 -7.60 4.54 3.69
CA LEU A 22 -8.69 4.21 4.59
C LEU A 22 -8.12 3.75 5.93
N ARG A 23 -7.63 2.52 5.94
CA ARG A 23 -7.06 1.95 7.15
C ARG A 23 -5.63 2.46 7.34
N ILE A 24 -5.25 3.41 6.52
CA ILE A 24 -3.92 3.98 6.58
C ILE A 24 -4.01 5.50 6.54
N ILE A 25 -4.87 5.99 5.66
CA ILE A 25 -5.06 7.42 5.51
C ILE A 25 -6.45 7.80 6.05
N ARG A 26 -7.33 6.82 6.03
CA ARG A 26 -8.69 7.02 6.52
C ARG A 26 -9.25 8.34 5.97
N ILE A 27 -8.60 8.84 4.93
CA ILE A 27 -9.01 10.09 4.30
C ILE A 27 -9.36 9.82 2.84
N ALA A 28 -8.45 9.18 2.15
CA ALA A 28 -8.65 8.86 0.74
C ALA A 28 -8.75 10.16 -0.06
N GLY A 29 -7.98 11.14 0.37
CA GLY A 29 -7.97 12.43 -0.29
C GLY A 29 -8.09 12.27 -1.82
N ARG A 1 6.57 -3.96 4.07
CA ARG A 1 6.34 -5.29 4.61
C ARG A 1 6.64 -5.31 6.11
N GLY A 2 6.33 -4.21 6.76
CA GLY A 2 6.56 -4.10 8.20
C GLY A 2 6.66 -2.63 8.62
N LEU A 3 7.32 -1.84 7.77
CA LEU A 3 7.49 -0.43 8.04
C LEU A 3 7.25 0.36 6.75
N ARG A 4 8.34 0.65 6.06
CA ARG A 4 8.26 1.40 4.81
C ARG A 4 9.67 1.71 4.29
N ARG A 5 9.95 1.17 3.11
CA ARG A 5 11.25 1.37 2.49
C ARG A 5 11.46 0.38 1.35
N LEU A 6 10.79 -0.77 1.48
CA LEU A 6 10.89 -1.81 0.48
C LEU A 6 10.30 -1.30 -0.84
N GLY A 7 9.51 -0.24 -0.73
CA GLY A 7 8.88 0.34 -1.90
C GLY A 7 7.55 -0.34 -2.20
N ARG A 8 7.51 -1.64 -1.97
CA ARG A 8 6.32 -2.43 -2.21
C ARG A 8 5.45 -2.47 -0.94
N LYS A 9 5.59 -1.44 -0.13
CA LYS A 9 4.83 -1.36 1.11
C LYS A 9 4.12 0.00 1.18
N ILE A 10 4.90 1.05 0.92
CA ILE A 10 4.36 2.40 0.96
C ILE A 10 3.17 2.48 0.00
N ALA A 11 3.45 2.21 -1.27
CA ALA A 11 2.42 2.25 -2.28
C ALA A 11 1.70 0.91 -2.34
N HIS A 12 1.65 0.35 -3.54
CA HIS A 12 1.00 -0.94 -3.73
C HIS A 12 -0.37 -0.93 -3.04
N GLY A 13 -1.41 -0.96 -3.86
CA GLY A 13 -2.77 -0.96 -3.35
C GLY A 13 -3.37 0.45 -3.39
N VAL A 14 -2.54 1.40 -3.78
CA VAL A 14 -2.97 2.78 -3.88
C VAL A 14 -2.52 3.37 -5.21
N LYS A 15 -1.27 3.10 -5.55
CA LYS A 15 -0.70 3.59 -6.79
C LYS A 15 -1.36 2.87 -7.97
N LYS A 16 -1.77 1.64 -7.72
CA LYS A 16 -2.41 0.84 -8.73
C LYS A 16 -3.88 0.62 -8.36
N TYR A 17 -4.12 0.48 -7.07
CA TYR A 17 -5.47 0.27 -6.57
C TYR A 17 -6.16 1.61 -6.28
N GLY A 18 -5.75 2.23 -5.19
CA GLY A 18 -6.32 3.52 -4.80
C GLY A 18 -6.81 3.48 -3.35
N PRO A 19 -7.52 2.37 -3.01
CA PRO A 19 -8.05 2.20 -1.67
C PRO A 19 -6.94 1.83 -0.68
N THR A 20 -6.74 0.53 -0.52
CA THR A 20 -5.70 0.04 0.38
C THR A 20 -5.63 0.92 1.62
N VAL A 21 -5.35 2.19 1.39
CA VAL A 21 -5.25 3.15 2.48
C VAL A 21 -6.49 3.03 3.38
N LEU A 22 -6.59 3.96 4.31
CA LEU A 22 -7.71 3.98 5.24
C LEU A 22 -7.29 3.31 6.55
N ARG A 23 -7.28 1.99 6.53
CA ARG A 23 -6.90 1.22 7.71
C ARG A 23 -5.38 1.18 7.85
N ILE A 24 -4.71 1.98 7.01
CA ILE A 24 -3.26 2.04 7.04
C ILE A 24 -2.82 3.51 7.07
N ILE A 25 -3.47 4.30 6.22
CA ILE A 25 -3.16 5.71 6.14
C ILE A 25 -4.32 6.52 6.72
N ARG A 26 -5.50 5.91 6.71
CA ARG A 26 -6.69 6.56 7.23
C ARG A 26 -6.76 8.00 6.73
N ILE A 27 -6.00 8.28 5.68
CA ILE A 27 -5.97 9.61 5.11
C ILE A 27 -6.42 9.53 3.65
N ALA A 28 -5.79 8.65 2.90
CA ALA A 28 -6.12 8.47 1.50
C ALA A 28 -5.80 9.76 0.75
N GLY A 29 -4.73 10.42 1.17
CA GLY A 29 -4.32 11.67 0.55
C GLY A 29 -4.34 11.54 -0.98
N ARG A 1 10.80 -5.88 -5.92
CA ARG A 1 9.60 -5.07 -5.75
C ARG A 1 8.43 -5.93 -5.27
N GLY A 2 8.59 -6.48 -4.07
CA GLY A 2 7.56 -7.32 -3.49
C GLY A 2 6.71 -6.54 -2.49
N LEU A 3 5.80 -7.25 -1.86
CA LEU A 3 4.92 -6.64 -0.88
C LEU A 3 5.22 -7.21 0.51
N ARG A 4 5.99 -6.45 1.28
CA ARG A 4 6.36 -6.86 2.61
C ARG A 4 6.75 -5.65 3.46
N ARG A 5 7.78 -4.96 3.00
CA ARG A 5 8.27 -3.78 3.69
C ARG A 5 9.59 -3.32 3.09
N LEU A 6 10.34 -4.28 2.56
CA LEU A 6 11.62 -3.99 1.94
C LEU A 6 11.39 -3.33 0.57
N GLY A 7 10.64 -4.02 -0.25
CA GLY A 7 10.34 -3.53 -1.58
C GLY A 7 9.17 -2.53 -1.55
N ARG A 8 8.12 -2.87 -2.28
CA ARG A 8 6.94 -2.02 -2.33
C ARG A 8 6.02 -2.31 -1.16
N LYS A 9 5.86 -1.30 -0.30
CA LYS A 9 5.02 -1.44 0.87
C LYS A 9 4.18 -0.16 1.04
N ILE A 10 4.88 0.96 1.07
CA ILE A 10 4.23 2.25 1.23
C ILE A 10 3.06 2.34 0.26
N ALA A 11 3.38 2.15 -1.02
CA ALA A 11 2.37 2.21 -2.06
C ALA A 11 1.68 0.85 -2.19
N HIS A 12 1.66 0.34 -3.41
CA HIS A 12 1.04 -0.95 -3.67
C HIS A 12 -0.34 -1.01 -3.00
N GLY A 13 -1.36 -1.04 -3.83
CA GLY A 13 -2.73 -1.09 -3.32
C GLY A 13 -3.37 0.29 -3.32
N VAL A 14 -2.55 1.28 -3.65
CA VAL A 14 -3.03 2.66 -3.69
C VAL A 14 -2.60 3.30 -5.00
N LYS A 15 -1.33 3.09 -5.34
CA LYS A 15 -0.78 3.64 -6.56
C LYS A 15 -1.42 2.95 -7.77
N LYS A 16 -1.79 1.69 -7.56
CA LYS A 16 -2.41 0.91 -8.61
C LYS A 16 -3.88 0.65 -8.25
N TYR A 17 -4.12 0.47 -6.97
CA TYR A 17 -5.47 0.23 -6.49
C TYR A 17 -6.21 1.54 -6.23
N GLY A 18 -5.86 2.18 -5.12
CA GLY A 18 -6.48 3.44 -4.75
C GLY A 18 -7.26 3.31 -3.44
N PRO A 19 -7.81 2.08 -3.23
CA PRO A 19 -8.58 1.80 -2.03
C PRO A 19 -7.66 1.63 -0.82
N THR A 20 -6.41 1.32 -1.10
CA THR A 20 -5.43 1.12 -0.05
C THR A 20 -5.59 2.19 1.03
N VAL A 21 -6.57 1.95 1.90
CA VAL A 21 -6.84 2.87 2.99
C VAL A 21 -5.53 3.20 3.72
N LEU A 22 -5.67 3.91 4.83
CA LEU A 22 -4.51 4.28 5.63
C LEU A 22 -4.09 5.71 5.25
N ARG A 23 -3.41 5.81 4.12
CA ARG A 23 -2.94 7.09 3.64
C ARG A 23 -4.08 7.86 2.97
N ILE A 24 -5.28 7.31 3.09
CA ILE A 24 -6.46 7.93 2.51
C ILE A 24 -7.57 7.99 3.57
N ILE A 25 -7.73 6.89 4.28
CA ILE A 25 -8.75 6.82 5.32
C ILE A 25 -8.06 6.81 6.69
N ARG A 26 -6.82 6.36 6.69
CA ARG A 26 -6.06 6.30 7.93
C ARG A 26 -6.91 5.72 9.06
N ILE A 27 -8.00 5.07 8.66
CA ILE A 27 -8.90 4.47 9.62
C ILE A 27 -8.99 2.96 9.36
N ALA A 28 -9.28 2.64 8.10
CA ALA A 28 -9.40 1.24 7.70
C ALA A 28 -10.55 0.59 8.47
N GLY A 29 -11.57 1.39 8.73
CA GLY A 29 -12.74 0.90 9.46
C GLY A 29 -13.36 -0.30 8.75
N ARG A 1 8.62 8.24 8.74
CA ARG A 1 9.34 7.61 9.85
C ARG A 1 9.05 6.11 9.88
N GLY A 2 8.85 5.55 8.70
CA GLY A 2 8.56 4.14 8.58
C GLY A 2 9.84 3.34 8.31
N LEU A 3 9.84 2.09 8.77
CA LEU A 3 10.98 1.22 8.58
C LEU A 3 10.89 0.54 7.22
N ARG A 4 10.00 -0.45 7.14
CA ARG A 4 9.80 -1.19 5.91
C ARG A 4 11.15 -1.53 5.27
N ARG A 5 11.08 -1.99 4.03
CA ARG A 5 12.28 -2.36 3.31
C ARG A 5 11.92 -3.03 1.98
N LEU A 6 10.74 -3.62 1.96
CA LEU A 6 10.25 -4.30 0.76
C LEU A 6 10.07 -3.27 -0.36
N GLY A 7 10.18 -2.00 0.02
CA GLY A 7 10.03 -0.92 -0.94
C GLY A 7 8.58 -0.81 -1.42
N ARG A 8 8.08 -1.91 -1.95
CA ARG A 8 6.72 -1.94 -2.45
C ARG A 8 5.74 -2.21 -1.31
N LYS A 9 5.88 -1.43 -0.25
CA LYS A 9 5.03 -1.57 0.92
C LYS A 9 4.22 -0.28 1.11
N ILE A 10 4.92 0.84 1.04
CA ILE A 10 4.28 2.14 1.21
C ILE A 10 3.10 2.24 0.23
N ALA A 11 3.42 2.03 -1.04
CA ALA A 11 2.40 2.11 -2.07
C ALA A 11 1.69 0.76 -2.19
N HIS A 12 1.66 0.25 -3.41
CA HIS A 12 1.03 -1.03 -3.68
C HIS A 12 -0.36 -1.06 -3.00
N GLY A 13 -1.39 -1.07 -3.84
CA GLY A 13 -2.75 -1.11 -3.34
C GLY A 13 -3.37 0.29 -3.33
N VAL A 14 -2.54 1.27 -3.67
CA VAL A 14 -2.99 2.65 -3.71
C VAL A 14 -2.55 3.28 -5.03
N LYS A 15 -1.30 3.04 -5.38
CA LYS A 15 -0.74 3.58 -6.61
C LYS A 15 -1.40 2.89 -7.81
N LYS A 16 -1.80 1.65 -7.59
CA LYS A 16 -2.45 0.87 -8.64
C LYS A 16 -3.92 0.65 -8.26
N TYR A 17 -4.14 0.48 -6.96
CA TYR A 17 -5.49 0.26 -6.47
C TYR A 17 -6.21 1.58 -6.21
N GLY A 18 -5.84 2.20 -5.10
CA GLY A 18 -6.43 3.48 -4.72
C GLY A 18 -7.21 3.35 -3.41
N PRO A 19 -7.79 2.14 -3.20
CA PRO A 19 -8.55 1.88 -2.00
C PRO A 19 -7.63 1.68 -0.79
N THR A 20 -6.39 1.35 -1.10
CA THR A 20 -5.40 1.13 -0.05
C THR A 20 -5.56 2.17 1.06
N VAL A 21 -6.57 1.95 1.89
CA VAL A 21 -6.85 2.86 2.99
C VAL A 21 -5.52 3.29 3.62
N LEU A 22 -5.53 4.51 4.14
CA LEU A 22 -4.34 5.07 4.76
C LEU A 22 -4.43 6.60 4.75
N ARG A 23 -4.14 7.17 3.59
CA ARG A 23 -4.19 8.61 3.44
C ARG A 23 -5.60 9.06 3.08
N ILE A 24 -6.51 8.10 3.03
CA ILE A 24 -7.89 8.39 2.71
C ILE A 24 -8.78 8.01 3.89
N ILE A 25 -8.52 6.83 4.44
CA ILE A 25 -9.29 6.35 5.58
C ILE A 25 -8.40 6.34 6.82
N ARG A 26 -7.11 6.12 6.59
CA ARG A 26 -6.16 6.09 7.69
C ARG A 26 -6.73 5.31 8.88
N ILE A 27 -7.77 4.54 8.59
CA ILE A 27 -8.41 3.75 9.62
C ILE A 27 -8.37 2.27 9.23
N ALA A 28 -8.81 2.01 8.00
CA ALA A 28 -8.82 0.65 7.49
C ALA A 28 -9.89 -0.16 8.21
N GLY A 29 -11.07 0.45 8.34
CA GLY A 29 -12.18 -0.19 9.00
C GLY A 29 -12.80 -1.27 8.12
N ARG A 1 8.12 -7.69 2.06
CA ARG A 1 6.75 -7.37 1.73
C ARG A 1 5.98 -6.97 2.98
N GLY A 2 6.60 -6.10 3.77
CA GLY A 2 5.99 -5.63 5.00
C GLY A 2 6.73 -4.40 5.53
N LEU A 3 8.05 -4.46 5.46
CA LEU A 3 8.86 -3.36 5.93
C LEU A 3 8.96 -2.29 4.85
N ARG A 4 9.15 -1.05 5.28
CA ARG A 4 9.26 0.07 4.35
C ARG A 4 10.69 0.19 3.83
N ARG A 5 10.89 -0.32 2.62
CA ARG A 5 12.20 -0.27 2.00
C ARG A 5 12.19 -1.06 0.68
N LEU A 6 11.33 -2.07 0.64
CA LEU A 6 11.22 -2.90 -0.55
C LEU A 6 10.57 -2.08 -1.67
N GLY A 7 10.14 -0.88 -1.32
CA GLY A 7 9.49 -0.01 -2.28
C GLY A 7 8.17 -0.59 -2.76
N ARG A 8 7.72 -1.63 -2.06
CA ARG A 8 6.47 -2.28 -2.40
C ARG A 8 5.61 -2.45 -1.15
N LYS A 9 5.75 -1.51 -0.24
CA LYS A 9 4.99 -1.54 0.99
C LYS A 9 4.22 -0.22 1.16
N ILE A 10 4.96 0.87 1.00
CA ILE A 10 4.36 2.20 1.11
C ILE A 10 3.17 2.31 0.16
N ALA A 11 3.46 2.10 -1.11
CA ALA A 11 2.43 2.18 -2.14
C ALA A 11 1.73 0.82 -2.25
N HIS A 12 1.70 0.31 -3.47
CA HIS A 12 1.07 -0.97 -3.73
C HIS A 12 -0.29 -1.03 -3.04
N GLY A 13 -1.34 -1.05 -3.85
CA GLY A 13 -2.70 -1.11 -3.33
C GLY A 13 -3.34 0.28 -3.32
N VAL A 14 -2.52 1.27 -3.65
CA VAL A 14 -2.99 2.65 -3.67
C VAL A 14 -2.57 3.29 -5.00
N LYS A 15 -1.31 3.08 -5.35
CA LYS A 15 -0.76 3.64 -6.57
C LYS A 15 -1.41 2.95 -7.77
N LYS A 16 -1.77 1.69 -7.55
CA LYS A 16 -2.40 0.90 -8.60
C LYS A 16 -3.87 0.65 -8.25
N TYR A 17 -4.10 0.47 -6.95
CA TYR A 17 -5.45 0.23 -6.47
C TYR A 17 -6.19 1.54 -6.20
N GLY A 18 -5.82 2.17 -5.10
CA GLY A 18 -6.44 3.43 -4.73
C GLY A 18 -7.21 3.29 -3.41
N PRO A 19 -7.77 2.08 -3.20
CA PRO A 19 -8.54 1.79 -1.99
C PRO A 19 -7.62 1.62 -0.79
N THR A 20 -6.36 1.31 -1.09
CA THR A 20 -5.37 1.11 -0.04
C THR A 20 -5.53 2.18 1.05
N VAL A 21 -6.54 1.97 1.88
CA VAL A 21 -6.81 2.90 2.98
C VAL A 21 -5.50 3.25 3.67
N LEU A 22 -5.60 4.15 4.65
CA LEU A 22 -4.44 4.59 5.40
C LEU A 22 -3.94 5.93 4.84
N ARG A 23 -3.86 5.97 3.51
CA ARG A 23 -3.41 7.18 2.84
C ARG A 23 -4.59 7.89 2.17
N ILE A 24 -5.75 7.28 2.30
CA ILE A 24 -6.96 7.84 1.71
C ILE A 24 -8.03 7.99 2.79
N ILE A 25 -8.09 6.99 3.66
CA ILE A 25 -9.06 7.00 4.74
C ILE A 25 -8.33 7.20 6.07
N ARG A 26 -7.07 6.80 6.09
CA ARG A 26 -6.25 6.93 7.28
C ARG A 26 -7.06 6.52 8.52
N ILE A 27 -8.12 5.77 8.27
CA ILE A 27 -8.97 5.29 9.36
C ILE A 27 -8.95 3.77 9.39
N ALA A 28 -9.27 3.18 8.24
CA ALA A 28 -9.31 1.73 8.13
C ALA A 28 -10.33 1.17 9.12
N GLY A 29 -11.40 1.93 9.30
CA GLY A 29 -12.46 1.51 10.21
C GLY A 29 -13.05 0.17 9.79
N ARG A 1 2.59 4.89 7.88
CA ARG A 1 3.77 4.33 8.52
C ARG A 1 3.92 2.85 8.15
N GLY A 2 4.91 2.22 8.77
CA GLY A 2 5.17 0.82 8.52
C GLY A 2 6.52 0.63 7.81
N LEU A 3 7.46 0.04 8.52
CA LEU A 3 8.78 -0.21 7.97
C LEU A 3 9.21 1.01 7.14
N ARG A 4 9.02 0.89 5.84
CA ARG A 4 9.38 1.97 4.93
C ARG A 4 10.87 1.88 4.58
N ARG A 5 11.18 1.01 3.63
CA ARG A 5 12.55 0.83 3.19
C ARG A 5 12.60 -0.02 1.92
N LEU A 6 11.71 -0.99 1.87
CA LEU A 6 11.63 -1.88 0.73
C LEU A 6 11.08 -1.11 -0.47
N GLY A 7 10.68 0.12 -0.22
CA GLY A 7 10.13 0.97 -1.26
C GLY A 7 8.84 0.37 -1.83
N ARG A 8 8.31 -0.62 -1.11
CA ARG A 8 7.08 -1.27 -1.53
C ARG A 8 6.35 -1.83 -0.31
N LYS A 9 6.17 -0.96 0.68
CA LYS A 9 5.47 -1.34 1.90
C LYS A 9 4.34 -0.36 2.17
N ILE A 10 4.66 0.92 2.01
CA ILE A 10 3.68 1.97 2.23
C ILE A 10 2.41 1.65 1.45
N ALA A 11 2.58 1.44 0.15
CA ALA A 11 1.45 1.13 -0.71
C ALA A 11 1.98 0.46 -1.99
N HIS A 12 1.03 0.00 -2.80
CA HIS A 12 1.37 -0.65 -4.06
C HIS A 12 0.13 -0.74 -4.95
N GLY A 13 -0.88 -1.44 -4.43
CA GLY A 13 -2.12 -1.60 -5.16
C GLY A 13 -2.89 -0.28 -5.25
N VAL A 14 -2.46 0.67 -4.43
CA VAL A 14 -3.10 1.97 -4.40
C VAL A 14 -2.96 2.63 -5.77
N LYS A 15 -1.81 2.40 -6.39
CA LYS A 15 -1.54 2.97 -7.70
C LYS A 15 -2.57 2.44 -8.70
N LYS A 16 -3.17 1.31 -8.33
CA LYS A 16 -4.17 0.70 -9.19
C LYS A 16 -5.55 0.86 -8.57
N TYR A 17 -5.60 0.67 -7.26
CA TYR A 17 -6.85 0.80 -6.52
C TYR A 17 -7.13 2.25 -6.17
N GLY A 18 -6.36 2.75 -5.21
CA GLY A 18 -6.52 4.13 -4.76
C GLY A 18 -6.19 4.27 -3.27
N PRO A 19 -6.75 3.32 -2.47
CA PRO A 19 -6.53 3.33 -1.04
C PRO A 19 -5.13 2.83 -0.70
N THR A 20 -5.03 1.52 -0.50
CA THR A 20 -3.76 0.90 -0.18
C THR A 20 -3.97 -0.56 0.26
N VAL A 21 -5.08 -0.79 0.93
CA VAL A 21 -5.41 -2.13 1.39
C VAL A 21 -5.46 -3.08 0.21
N LEU A 22 -6.36 -4.05 0.31
CA LEU A 22 -6.51 -5.04 -0.75
C LEU A 22 -5.26 -5.93 -0.81
N ARG A 23 -5.51 -7.21 -1.00
CA ARG A 23 -4.42 -8.17 -1.07
C ARG A 23 -3.48 -8.01 0.12
N ILE A 24 -3.91 -7.18 1.06
CA ILE A 24 -3.13 -6.93 2.26
C ILE A 24 -4.06 -6.86 3.46
N ILE A 25 -5.09 -6.03 3.33
CA ILE A 25 -6.06 -5.86 4.41
C ILE A 25 -7.44 -6.29 3.92
N ARG A 26 -7.64 -6.14 2.62
CA ARG A 26 -8.91 -6.51 2.01
C ARG A 26 -10.07 -6.06 2.89
N ILE A 27 -9.77 -5.12 3.79
CA ILE A 27 -10.77 -4.60 4.69
C ILE A 27 -10.90 -3.08 4.49
N ALA A 28 -9.76 -2.41 4.62
CA ALA A 28 -9.73 -0.97 4.46
C ALA A 28 -10.54 -0.31 5.58
N GLY A 29 -10.45 -0.91 6.76
CA GLY A 29 -11.16 -0.40 7.91
C GLY A 29 -10.23 0.36 8.85
N ARG A 1 11.56 8.12 6.45
CA ARG A 1 11.30 8.17 7.88
C ARG A 1 11.22 6.75 8.45
N GLY A 2 12.38 6.17 8.69
CA GLY A 2 12.46 4.83 9.24
C GLY A 2 13.15 3.88 8.26
N LEU A 3 12.58 2.67 8.15
CA LEU A 3 13.13 1.67 7.26
C LEU A 3 12.45 1.80 5.89
N ARG A 4 12.33 0.67 5.21
CA ARG A 4 11.71 0.63 3.90
C ARG A 4 10.39 1.40 3.92
N ARG A 5 10.13 2.09 2.82
CA ARG A 5 8.90 2.88 2.70
C ARG A 5 8.85 3.57 1.34
N LEU A 6 10.03 3.96 0.86
CA LEU A 6 10.12 4.63 -0.42
C LEU A 6 9.93 3.61 -1.55
N GLY A 7 10.75 2.56 -1.50
CA GLY A 7 10.68 1.50 -2.49
C GLY A 7 9.23 1.11 -2.77
N ARG A 8 8.79 0.07 -2.07
CA ARG A 8 7.44 -0.43 -2.23
C ARG A 8 6.98 -1.16 -0.96
N LYS A 9 6.72 -0.37 0.07
CA LYS A 9 6.29 -0.92 1.34
C LYS A 9 4.99 -0.24 1.77
N ILE A 10 4.96 1.08 1.61
CA ILE A 10 3.79 1.86 1.97
C ILE A 10 2.53 1.18 1.42
N ALA A 11 2.58 0.90 0.13
CA ALA A 11 1.46 0.25 -0.53
C ALA A 11 1.92 -0.33 -1.86
N HIS A 12 0.99 -0.98 -2.55
CA HIS A 12 1.28 -1.58 -3.84
C HIS A 12 0.04 -1.57 -4.72
N GLY A 13 -1.09 -1.90 -4.09
CA GLY A 13 -2.35 -1.92 -4.80
C GLY A 13 -2.95 -0.52 -4.91
N VAL A 14 -2.43 0.38 -4.08
CA VAL A 14 -2.91 1.74 -4.09
C VAL A 14 -2.53 2.41 -5.41
N LYS A 15 -1.38 2.01 -5.94
CA LYS A 15 -0.89 2.56 -7.19
C LYS A 15 -1.91 2.25 -8.29
N LYS A 16 -2.70 1.21 -8.06
CA LYS A 16 -3.70 0.80 -9.03
C LYS A 16 -5.09 1.15 -8.48
N TYR A 17 -5.27 0.90 -7.19
CA TYR A 17 -6.54 1.18 -6.54
C TYR A 17 -6.63 2.66 -6.12
N GLY A 18 -5.91 2.98 -5.06
CA GLY A 18 -5.90 4.35 -4.56
C GLY A 18 -6.41 4.40 -3.12
N PRO A 19 -7.49 3.62 -2.86
CA PRO A 19 -8.09 3.57 -1.54
C PRO A 19 -7.22 2.74 -0.59
N THR A 20 -6.53 1.77 -1.16
CA THR A 20 -5.67 0.90 -0.37
C THR A 20 -5.18 1.63 0.89
N VAL A 21 -4.70 2.84 0.68
CA VAL A 21 -4.21 3.65 1.79
C VAL A 21 -5.09 3.42 3.01
N LEU A 22 -4.53 3.71 4.18
CA LEU A 22 -5.25 3.55 5.43
C LEU A 22 -4.26 3.33 6.56
N ARG A 23 -3.83 2.09 6.72
CA ARG A 23 -2.88 1.75 7.76
C ARG A 23 -1.44 1.96 7.27
N ILE A 24 -1.35 2.56 6.09
CA ILE A 24 -0.05 2.83 5.49
C ILE A 24 0.10 4.34 5.25
N ILE A 25 -0.92 4.90 4.61
CA ILE A 25 -0.93 6.32 4.31
C ILE A 25 -1.94 7.03 5.21
N ARG A 26 -3.02 6.32 5.50
CA ARG A 26 -4.07 6.87 6.36
C ARG A 26 -4.37 8.31 5.96
N ILE A 27 -3.89 8.69 4.79
CA ILE A 27 -4.10 10.04 4.28
C ILE A 27 -4.84 9.97 2.95
N ALA A 28 -4.30 9.15 2.04
CA ALA A 28 -4.91 9.00 0.73
C ALA A 28 -4.82 10.32 -0.03
N GLY A 29 -3.68 10.97 0.12
CA GLY A 29 -3.46 12.25 -0.54
C GLY A 29 -3.58 12.10 -2.07
N ARG A 1 0.71 4.72 10.51
CA ARG A 1 -0.07 3.90 9.59
C ARG A 1 0.81 2.86 8.92
N GLY A 2 1.85 2.44 9.65
CA GLY A 2 2.78 1.45 9.14
C GLY A 2 4.13 1.55 9.85
N LEU A 3 5.15 1.04 9.18
CA LEU A 3 6.49 1.07 9.73
C LEU A 3 7.51 0.81 8.62
N ARG A 4 7.35 1.56 7.54
CA ARG A 4 8.23 1.43 6.40
C ARG A 4 8.41 2.78 5.70
N ARG A 5 9.11 2.74 4.57
CA ARG A 5 9.36 3.94 3.81
C ARG A 5 10.28 3.64 2.62
N LEU A 6 10.37 2.36 2.29
CA LEU A 6 11.20 1.93 1.19
C LEU A 6 10.50 2.25 -0.14
N GLY A 7 9.23 2.61 -0.03
CA GLY A 7 8.44 2.94 -1.20
C GLY A 7 7.49 1.79 -1.57
N ARG A 8 8.07 0.61 -1.69
CA ARG A 8 7.29 -0.57 -2.04
C ARG A 8 6.77 -1.25 -0.76
N LYS A 9 6.48 -0.43 0.24
CA LYS A 9 5.98 -0.93 1.50
C LYS A 9 4.69 -0.20 1.87
N ILE A 10 4.73 1.12 1.70
CA ILE A 10 3.58 1.94 2.02
C ILE A 10 2.32 1.30 1.42
N ALA A 11 2.40 1.00 0.13
CA ALA A 11 1.28 0.38 -0.56
C ALA A 11 1.77 -0.18 -1.90
N HIS A 12 0.86 -0.88 -2.57
CA HIS A 12 1.18 -1.48 -3.86
C HIS A 12 -0.06 -1.49 -4.75
N GLY A 13 -1.18 -1.83 -4.13
CA GLY A 13 -2.44 -1.89 -4.85
C GLY A 13 -3.07 -0.49 -4.96
N VAL A 14 -2.56 0.42 -4.16
CA VAL A 14 -3.05 1.78 -4.14
C VAL A 14 -2.70 2.45 -5.48
N LYS A 15 -1.55 2.08 -6.00
CA LYS A 15 -1.09 2.63 -7.27
C LYS A 15 -2.07 2.25 -8.38
N LYS A 16 -2.84 1.20 -8.11
CA LYS A 16 -3.82 0.72 -9.07
C LYS A 16 -5.22 1.05 -8.56
N TYR A 17 -5.41 0.84 -7.26
CA TYR A 17 -6.70 1.11 -6.64
C TYR A 17 -6.86 2.60 -6.32
N GLY A 18 -6.10 3.04 -5.33
CA GLY A 18 -6.16 4.44 -4.92
C GLY A 18 -6.07 4.56 -3.39
N PRO A 19 -6.85 3.69 -2.70
CA PRO A 19 -6.87 3.70 -1.25
C PRO A 19 -5.60 3.06 -0.68
N THR A 20 -5.66 1.74 -0.51
CA THR A 20 -4.53 1.01 0.03
C THR A 20 -4.93 -0.44 0.31
N VAL A 21 -6.22 -0.64 0.50
CA VAL A 21 -6.74 -1.97 0.78
C VAL A 21 -5.75 -3.02 0.26
N LEU A 22 -5.54 -4.04 1.07
CA LEU A 22 -4.63 -5.11 0.70
C LEU A 22 -4.63 -6.17 1.81
N ARG A 23 -5.13 -7.34 1.45
CA ARG A 23 -5.20 -8.44 2.39
C ARG A 23 -5.76 -7.97 3.73
N ILE A 24 -6.37 -6.79 3.69
CA ILE A 24 -6.95 -6.21 4.89
C ILE A 24 -8.43 -5.87 4.62
N ILE A 25 -8.64 -5.18 3.51
CA ILE A 25 -9.99 -4.78 3.12
C ILE A 25 -10.35 -5.44 1.79
N ARG A 26 -9.35 -5.49 0.91
CA ARG A 26 -9.55 -6.08 -0.41
C ARG A 26 -10.89 -5.64 -0.99
N ILE A 27 -11.41 -4.56 -0.44
CA ILE A 27 -12.69 -4.03 -0.89
C ILE A 27 -12.50 -2.60 -1.39
N ALA A 28 -11.87 -1.79 -0.54
CA ALA A 28 -11.61 -0.40 -0.88
C ALA A 28 -12.83 0.45 -0.51
N GLY A 29 -13.11 0.48 0.78
CA GLY A 29 -14.24 1.24 1.28
C GLY A 29 -13.78 2.51 1.99
N ARG A 1 9.68 12.26 -1.54
CA ARG A 1 9.65 11.47 -0.32
C ARG A 1 8.37 10.63 -0.27
N GLY A 2 8.33 9.75 0.72
CA GLY A 2 7.18 8.88 0.89
C GLY A 2 7.48 7.46 0.45
N LEU A 3 8.53 6.90 1.04
CA LEU A 3 8.94 5.54 0.71
C LEU A 3 9.84 5.01 1.83
N ARG A 4 9.35 3.98 2.50
CA ARG A 4 10.10 3.36 3.59
C ARG A 4 11.56 3.18 3.19
N ARG A 5 11.80 2.17 2.37
CA ARG A 5 13.15 1.88 1.90
C ARG A 5 13.10 0.96 0.68
N LEU A 6 12.20 0.00 0.74
CA LEU A 6 12.05 -0.95 -0.36
C LEU A 6 11.39 -0.24 -1.54
N GLY A 7 10.97 0.99 -1.30
CA GLY A 7 10.33 1.78 -2.34
C GLY A 7 8.95 1.21 -2.70
N ARG A 8 8.56 0.19 -1.94
CA ARG A 8 7.29 -0.45 -2.18
C ARG A 8 6.81 -1.15 -0.89
N LYS A 9 6.59 -0.33 0.13
CA LYS A 9 6.13 -0.85 1.41
C LYS A 9 4.84 -0.14 1.80
N ILE A 10 4.83 1.17 1.61
CA ILE A 10 3.66 1.97 1.95
C ILE A 10 2.41 1.29 1.39
N ALA A 11 2.47 0.97 0.10
CA ALA A 11 1.36 0.33 -0.56
C ALA A 11 1.82 -0.26 -1.90
N HIS A 12 0.90 -0.94 -2.57
CA HIS A 12 1.22 -1.56 -3.84
C HIS A 12 -0.03 -1.55 -4.74
N GLY A 13 -1.16 -1.88 -4.13
CA GLY A 13 -2.42 -1.91 -4.85
C GLY A 13 -3.00 -0.51 -4.99
N VAL A 14 -2.48 0.40 -4.17
CA VAL A 14 -2.94 1.78 -4.19
C VAL A 14 -2.55 2.43 -5.53
N LYS A 15 -1.41 2.01 -6.04
CA LYS A 15 -0.91 2.54 -7.30
C LYS A 15 -1.93 2.23 -8.40
N LYS A 16 -2.73 1.21 -8.15
CA LYS A 16 -3.74 0.79 -9.11
C LYS A 16 -5.13 1.16 -8.57
N TYR A 17 -5.31 0.93 -7.29
CA TYR A 17 -6.58 1.23 -6.65
C TYR A 17 -6.66 2.71 -6.25
N GLY A 18 -5.92 3.05 -5.21
CA GLY A 18 -5.89 4.42 -4.72
C GLY A 18 -6.09 4.46 -3.21
N PRO A 19 -7.08 3.65 -2.74
CA PRO A 19 -7.38 3.60 -1.31
C PRO A 19 -6.32 2.80 -0.56
N THR A 20 -6.36 1.48 -0.75
CA THR A 20 -5.41 0.60 -0.09
C THR A 20 -5.46 0.80 1.42
N VAL A 21 -6.53 1.42 1.87
CA VAL A 21 -6.71 1.68 3.29
C VAL A 21 -6.49 0.39 4.07
N LEU A 22 -6.79 0.45 5.36
CA LEU A 22 -6.63 -0.71 6.23
C LEU A 22 -5.30 -0.60 6.98
N ARG A 23 -4.23 -0.93 6.27
CA ARG A 23 -2.90 -0.88 6.85
C ARG A 23 -2.38 0.56 6.85
N ILE A 24 -3.28 1.48 6.50
CA ILE A 24 -2.91 2.89 6.46
C ILE A 24 -3.97 3.71 7.21
N ILE A 25 -5.22 3.37 6.95
CA ILE A 25 -6.33 4.06 7.58
C ILE A 25 -7.01 3.11 8.59
N ARG A 26 -6.84 1.83 8.33
CA ARG A 26 -7.43 0.81 9.19
C ARG A 26 -8.88 1.18 9.54
N ILE A 27 -9.42 2.08 8.75
CA ILE A 27 -10.79 2.52 8.95
C ILE A 27 -11.63 2.21 7.70
N ALA A 28 -11.10 2.64 6.56
CA ALA A 28 -11.78 2.42 5.30
C ALA A 28 -13.12 3.14 5.30
N GLY A 29 -13.13 4.30 5.94
CA GLY A 29 -14.34 5.11 6.03
C GLY A 29 -14.54 5.94 4.76
N ARG A 1 6.13 -4.42 -3.01
CA ARG A 1 5.41 -5.51 -2.38
C ARG A 1 6.08 -5.88 -1.05
N GLY A 2 7.37 -5.59 -0.96
CA GLY A 2 8.12 -5.89 0.24
C GLY A 2 9.02 -4.70 0.63
N LEU A 3 10.31 -4.98 0.72
CA LEU A 3 11.27 -3.94 1.09
C LEU A 3 10.78 -3.22 2.34
N ARG A 4 11.56 -2.23 2.76
CA ARG A 4 11.22 -1.45 3.93
C ARG A 4 11.25 0.04 3.61
N ARG A 5 11.52 0.34 2.35
CA ARG A 5 11.59 1.72 1.89
C ARG A 5 12.40 1.81 0.59
N LEU A 6 13.25 0.82 0.39
CA LEU A 6 14.08 0.78 -0.80
C LEU A 6 13.19 0.64 -2.03
N GLY A 7 12.00 0.11 -1.80
CA GLY A 7 11.05 -0.09 -2.89
C GLY A 7 9.63 0.24 -2.43
N ARG A 8 8.73 -0.69 -2.69
CA ARG A 8 7.33 -0.52 -2.32
C ARG A 8 7.04 -1.26 -1.01
N LYS A 9 6.77 -0.47 0.02
CA LYS A 9 6.47 -1.03 1.33
C LYS A 9 5.18 -0.41 1.86
N ILE A 10 5.12 0.91 1.81
CA ILE A 10 3.96 1.63 2.28
C ILE A 10 2.70 1.03 1.63
N ALA A 11 2.71 1.00 0.31
CA ALA A 11 1.59 0.46 -0.43
C ALA A 11 2.08 -0.05 -1.80
N HIS A 12 1.15 -0.66 -2.52
CA HIS A 12 1.49 -1.21 -3.83
C HIS A 12 0.22 -1.28 -4.68
N GLY A 13 -0.88 -1.67 -4.03
CA GLY A 13 -2.15 -1.80 -4.71
C GLY A 13 -2.83 -0.44 -4.85
N VAL A 14 -2.38 0.51 -4.03
CA VAL A 14 -2.93 1.85 -4.06
C VAL A 14 -2.61 2.51 -5.39
N LYS A 15 -1.43 2.17 -5.91
CA LYS A 15 -0.99 2.73 -7.18
C LYS A 15 -1.97 2.30 -8.28
N LYS A 16 -2.67 1.21 -8.01
CA LYS A 16 -3.63 0.69 -8.97
C LYS A 16 -5.05 0.93 -8.44
N TYR A 17 -5.21 0.73 -7.15
CA TYR A 17 -6.51 0.92 -6.52
C TYR A 17 -6.74 2.39 -6.18
N GLY A 18 -6.06 2.83 -5.12
CA GLY A 18 -6.17 4.20 -4.68
C GLY A 18 -6.79 4.29 -3.27
N PRO A 19 -7.82 3.42 -3.05
CA PRO A 19 -8.49 3.38 -1.76
C PRO A 19 -7.63 2.68 -0.71
N THR A 20 -6.63 1.95 -1.19
CA THR A 20 -5.74 1.23 -0.31
C THR A 20 -5.25 2.14 0.81
N VAL A 21 -5.54 3.43 0.66
CA VAL A 21 -5.14 4.41 1.66
C VAL A 21 -5.52 3.90 3.05
N LEU A 22 -5.37 4.78 4.03
CA LEU A 22 -5.68 4.43 5.40
C LEU A 22 -4.39 4.06 6.14
N ARG A 23 -3.93 2.85 5.87
CA ARG A 23 -2.71 2.36 6.50
C ARG A 23 -1.48 2.91 5.78
N ILE A 24 -1.74 3.84 4.87
CA ILE A 24 -0.67 4.46 4.10
C ILE A 24 -0.84 5.98 4.14
N ILE A 25 -2.08 6.41 3.94
CA ILE A 25 -2.38 7.83 3.94
C ILE A 25 -3.20 8.17 5.20
N ARG A 26 -3.86 7.16 5.72
CA ARG A 26 -4.68 7.33 6.91
C ARG A 26 -5.52 8.61 6.80
N ILE A 27 -5.63 9.10 5.57
CA ILE A 27 -6.40 10.30 5.32
C ILE A 27 -7.54 9.98 4.35
N ALA A 28 -7.19 9.35 3.24
CA ALA A 28 -8.17 8.99 2.24
C ALA A 28 -8.80 10.25 1.67
N GLY A 29 -7.99 11.28 1.55
CA GLY A 29 -8.48 12.55 1.02
C GLY A 29 -9.28 12.35 -0.26
N ARG A 1 4.33 -8.70 -3.12
CA ARG A 1 4.93 -9.93 -2.63
C ARG A 1 5.20 -9.83 -1.14
N GLY A 2 5.77 -8.69 -0.74
CA GLY A 2 6.08 -8.47 0.66
C GLY A 2 6.49 -7.00 0.89
N LEU A 3 5.91 -6.42 1.93
CA LEU A 3 6.21 -5.05 2.28
C LEU A 3 7.32 -5.00 3.31
N ARG A 4 8.55 -4.83 2.81
CA ARG A 4 9.70 -4.76 3.69
C ARG A 4 10.03 -3.31 4.05
N ARG A 5 10.55 -2.59 3.07
CA ARG A 5 10.90 -1.20 3.27
C ARG A 5 12.01 -0.78 2.31
N LEU A 6 12.19 -1.60 1.27
CA LEU A 6 13.21 -1.33 0.27
C LEU A 6 12.74 -0.20 -0.65
N GLY A 7 11.42 -0.01 -0.66
CA GLY A 7 10.84 1.04 -1.49
C GLY A 7 9.32 0.93 -1.51
N ARG A 8 8.84 -0.19 -2.02
CA ARG A 8 7.40 -0.44 -2.10
C ARG A 8 6.92 -1.13 -0.83
N LYS A 9 6.58 -0.31 0.16
CA LYS A 9 6.10 -0.83 1.43
C LYS A 9 4.80 -0.12 1.80
N ILE A 10 4.81 1.20 1.62
CA ILE A 10 3.64 2.00 1.94
C ILE A 10 2.39 1.32 1.38
N ALA A 11 2.45 1.00 0.09
CA ALA A 11 1.34 0.34 -0.57
C ALA A 11 1.82 -0.25 -1.90
N HIS A 12 0.90 -0.93 -2.57
CA HIS A 12 1.21 -1.54 -3.85
C HIS A 12 -0.03 -1.53 -4.74
N GLY A 13 -1.15 -1.87 -4.13
CA GLY A 13 -2.42 -1.89 -4.86
C GLY A 13 -3.01 -0.50 -4.99
N VAL A 14 -2.48 0.41 -4.18
CA VAL A 14 -2.95 1.79 -4.20
C VAL A 14 -2.57 2.44 -5.53
N LYS A 15 -1.42 2.03 -6.04
CA LYS A 15 -0.93 2.56 -7.30
C LYS A 15 -1.94 2.24 -8.40
N LYS A 16 -2.75 1.22 -8.16
CA LYS A 16 -3.75 0.80 -9.12
C LYS A 16 -5.14 1.17 -8.58
N TYR A 17 -5.32 0.94 -7.29
CA TYR A 17 -6.60 1.23 -6.65
C TYR A 17 -6.67 2.71 -6.25
N GLY A 18 -5.93 3.05 -5.21
CA GLY A 18 -5.92 4.41 -4.72
C GLY A 18 -6.11 4.46 -3.21
N PRO A 19 -7.10 3.64 -2.74
CA PRO A 19 -7.40 3.58 -1.31
C PRO A 19 -6.34 2.78 -0.56
N THR A 20 -6.37 1.48 -0.75
CA THR A 20 -5.42 0.60 -0.09
C THR A 20 -5.46 0.79 1.42
N VAL A 21 -6.53 1.41 1.88
CA VAL A 21 -6.71 1.67 3.30
C VAL A 21 -5.99 0.58 4.10
N LEU A 22 -5.44 0.99 5.23
CA LEU A 22 -4.72 0.06 6.09
C LEU A 22 -3.90 0.84 7.10
N ARG A 23 -2.85 1.49 6.59
CA ARG A 23 -1.96 2.27 7.43
C ARG A 23 -2.35 3.76 7.36
N ILE A 24 -3.47 4.01 6.70
CA ILE A 24 -3.95 5.38 6.56
C ILE A 24 -5.37 5.47 7.10
N ILE A 25 -6.18 4.49 6.72
CA ILE A 25 -7.57 4.45 7.16
C ILE A 25 -7.77 3.25 8.08
N ARG A 26 -7.12 2.15 7.72
CA ARG A 26 -7.22 0.94 8.50
C ARG A 26 -8.68 0.66 8.87
N ILE A 27 -9.57 1.36 8.19
CA ILE A 27 -10.99 1.20 8.44
C ILE A 27 -11.68 0.78 7.14
N ALA A 28 -11.38 1.51 6.08
CA ALA A 28 -11.97 1.22 4.78
C ALA A 28 -13.46 1.57 4.80
N GLY A 29 -13.76 2.69 5.45
CA GLY A 29 -15.15 3.13 5.55
C GLY A 29 -15.39 4.36 4.66
N ARG A 1 13.99 -6.29 5.56
CA ARG A 1 12.59 -6.64 5.73
C ARG A 1 11.91 -5.68 6.71
N GLY A 2 11.24 -4.68 6.15
CA GLY A 2 10.55 -3.70 6.96
C GLY A 2 11.15 -2.30 6.76
N LEU A 3 12.47 -2.27 6.69
CA LEU A 3 13.18 -1.02 6.51
C LEU A 3 12.32 -0.08 5.66
N ARG A 4 11.61 0.80 6.36
CA ARG A 4 10.75 1.77 5.68
C ARG A 4 11.55 2.56 4.65
N ARG A 5 11.59 2.03 3.44
CA ARG A 5 12.32 2.68 2.36
C ARG A 5 12.65 1.67 1.26
N LEU A 6 11.89 0.58 1.24
CA LEU A 6 12.09 -0.46 0.25
C LEU A 6 11.51 -0.01 -1.08
N GLY A 7 10.71 1.03 -1.02
CA GLY A 7 10.08 1.58 -2.22
C GLY A 7 8.63 1.08 -2.35
N ARG A 8 8.46 -0.22 -2.21
CA ARG A 8 7.14 -0.82 -2.30
C ARG A 8 6.77 -1.51 -0.99
N LYS A 9 6.73 -0.72 0.07
CA LYS A 9 6.39 -1.24 1.38
C LYS A 9 5.13 -0.55 1.90
N ILE A 10 5.16 0.78 1.87
CA ILE A 10 4.02 1.56 2.33
C ILE A 10 2.75 1.06 1.64
N ALA A 11 2.80 1.06 0.31
CA ALA A 11 1.66 0.61 -0.47
C ALA A 11 2.15 0.12 -1.83
N HIS A 12 1.24 -0.48 -2.58
CA HIS A 12 1.56 -0.99 -3.90
C HIS A 12 0.28 -1.13 -4.72
N GLY A 13 -0.79 -1.56 -4.06
CA GLY A 13 -2.06 -1.73 -4.73
C GLY A 13 -2.79 -0.39 -4.86
N VAL A 14 -2.35 0.57 -4.05
CA VAL A 14 -2.96 1.89 -4.07
C VAL A 14 -2.69 2.55 -5.43
N LYS A 15 -1.51 2.25 -5.96
CA LYS A 15 -1.12 2.80 -7.25
C LYS A 15 -2.09 2.32 -8.33
N LYS A 16 -2.75 1.21 -8.04
CA LYS A 16 -3.71 0.63 -8.97
C LYS A 16 -5.12 0.84 -8.42
N TYR A 17 -5.25 0.65 -7.12
CA TYR A 17 -6.54 0.80 -6.46
C TYR A 17 -6.82 2.28 -6.16
N GLY A 18 -6.14 2.78 -5.15
CA GLY A 18 -6.30 4.17 -4.75
C GLY A 18 -6.85 4.27 -3.32
N PRO A 19 -7.80 3.33 -3.01
CA PRO A 19 -8.41 3.31 -1.68
C PRO A 19 -7.44 2.73 -0.65
N THR A 20 -6.57 1.87 -1.12
CA THR A 20 -5.58 1.24 -0.25
C THR A 20 -4.63 2.29 0.33
N VAL A 21 -5.20 3.22 1.07
CA VAL A 21 -4.42 4.29 1.68
C VAL A 21 -3.07 3.72 2.13
N LEU A 22 -2.09 4.60 2.19
CA LEU A 22 -0.75 4.21 2.60
C LEU A 22 0.28 5.14 1.95
N ARG A 23 0.43 4.97 0.64
CA ARG A 23 1.37 5.79 -0.11
C ARG A 23 0.68 7.06 -0.61
N ILE A 24 -0.57 7.22 -0.22
CA ILE A 24 -1.35 8.38 -0.63
C ILE A 24 -1.82 9.13 0.62
N ILE A 25 -2.40 8.37 1.54
CA ILE A 25 -2.90 8.94 2.77
C ILE A 25 -1.95 8.60 3.92
N ARG A 26 -1.35 7.42 3.81
CA ARG A 26 -0.42 6.96 4.82
C ARG A 26 -0.95 7.26 6.22
N ILE A 27 -2.26 7.52 6.28
CA ILE A 27 -2.91 7.83 7.54
C ILE A 27 -4.01 6.81 7.80
N ALA A 28 -4.89 6.67 6.81
CA ALA A 28 -6.00 5.73 6.91
C ALA A 28 -6.89 6.13 8.09
N GLY A 29 -6.99 7.44 8.30
CA GLY A 29 -7.80 7.97 9.38
C GLY A 29 -9.29 7.78 9.09
N ARG A 1 11.73 9.77 4.36
CA ARG A 1 10.51 10.45 3.95
C ARG A 1 9.34 9.47 3.93
N GLY A 2 9.59 8.31 3.33
CA GLY A 2 8.57 7.28 3.24
C GLY A 2 8.69 6.27 4.38
N LEU A 3 8.64 5.00 4.02
CA LEU A 3 8.74 3.94 5.00
C LEU A 3 9.77 2.91 4.53
N ARG A 4 10.24 2.11 5.48
CA ARG A 4 11.23 1.09 5.17
C ARG A 4 12.39 1.69 4.38
N ARG A 5 12.27 1.62 3.06
CA ARG A 5 13.30 2.15 2.19
C ARG A 5 13.15 1.55 0.78
N LEU A 6 12.55 0.39 0.73
CA LEU A 6 12.34 -0.30 -0.53
C LEU A 6 11.36 0.50 -1.39
N GLY A 7 10.75 1.50 -0.76
CA GLY A 7 9.79 2.36 -1.44
C GLY A 7 8.44 1.64 -1.60
N ARG A 8 8.50 0.43 -2.15
CA ARG A 8 7.31 -0.36 -2.35
C ARG A 8 6.95 -1.12 -1.08
N LYS A 9 6.72 -0.37 -0.02
CA LYS A 9 6.37 -0.97 1.26
C LYS A 9 5.07 -0.34 1.77
N ILE A 10 5.00 0.98 1.65
CA ILE A 10 3.82 1.71 2.09
C ILE A 10 2.57 1.03 1.53
N ALA A 11 2.56 0.86 0.22
CA ALA A 11 1.43 0.23 -0.45
C ALA A 11 1.90 -0.33 -1.80
N HIS A 12 0.97 -0.98 -2.48
CA HIS A 12 1.27 -1.57 -3.78
C HIS A 12 0.01 -1.58 -4.64
N GLY A 13 -1.11 -1.90 -4.00
CA GLY A 13 -2.38 -1.94 -4.70
C GLY A 13 -2.99 -0.53 -4.83
N VAL A 14 -2.47 0.37 -4.00
CA VAL A 14 -2.95 1.75 -4.02
C VAL A 14 -2.56 2.40 -5.34
N LYS A 15 -1.39 2.00 -5.84
CA LYS A 15 -0.90 2.54 -7.10
C LYS A 15 -1.89 2.20 -8.23
N LYS A 16 -2.67 1.16 -7.98
CA LYS A 16 -3.66 0.72 -8.96
C LYS A 16 -5.06 1.07 -8.46
N TYR A 17 -5.25 0.85 -7.17
CA TYR A 17 -6.54 1.12 -6.55
C TYR A 17 -6.66 2.61 -6.17
N GLY A 18 -5.94 2.98 -5.12
CA GLY A 18 -5.95 4.35 -4.65
C GLY A 18 -6.47 4.43 -3.22
N PRO A 19 -7.53 3.63 -2.94
CA PRO A 19 -8.12 3.61 -1.61
C PRO A 19 -7.24 2.84 -0.63
N THR A 20 -6.55 1.84 -1.16
CA THR A 20 -5.66 1.03 -0.35
C THR A 20 -4.53 1.88 0.23
N VAL A 21 -4.91 2.79 1.11
CA VAL A 21 -3.94 3.67 1.74
C VAL A 21 -4.11 3.60 3.26
N LEU A 22 -5.04 2.77 3.68
CA LEU A 22 -5.30 2.61 5.10
C LEU A 22 -4.12 1.90 5.76
N ARG A 23 -3.88 2.26 7.02
CA ARG A 23 -2.79 1.67 7.77
C ARG A 23 -1.51 1.67 6.93
N ILE A 24 -1.41 2.66 6.05
CA ILE A 24 -0.26 2.79 5.18
C ILE A 24 -0.03 4.26 4.85
N ILE A 25 -1.07 4.88 4.30
CA ILE A 25 -1.00 6.28 3.93
C ILE A 25 -2.12 7.04 4.63
N ARG A 26 -3.22 6.34 4.86
CA ARG A 26 -4.37 6.93 5.52
C ARG A 26 -4.64 8.32 4.96
N ILE A 27 -4.10 8.56 3.77
CA ILE A 27 -4.28 9.86 3.12
C ILE A 27 -4.99 9.64 1.78
N ALA A 28 -4.43 8.76 0.97
CA ALA A 28 -5.00 8.46 -0.33
C ALA A 28 -4.49 9.49 -1.35
N GLY A 29 -3.17 9.57 -1.46
CA GLY A 29 -2.55 10.50 -2.39
C GLY A 29 -2.57 9.95 -3.81
N ARG A 1 1.42 -2.89 9.58
CA ARG A 1 1.88 -2.82 8.20
C ARG A 1 3.40 -2.74 8.17
N GLY A 2 3.92 -2.40 6.99
CA GLY A 2 5.35 -2.30 6.80
C GLY A 2 5.78 -0.83 6.63
N LEU A 3 5.53 -0.32 5.44
CA LEU A 3 5.88 1.07 5.14
C LEU A 3 7.39 1.25 5.30
N ARG A 4 7.96 2.01 4.37
CA ARG A 4 9.39 2.27 4.39
C ARG A 4 9.68 3.68 3.86
N ARG A 5 9.63 3.81 2.54
CA ARG A 5 9.89 5.08 1.90
C ARG A 5 10.08 4.89 0.40
N LEU A 6 10.55 3.71 0.04
CA LEU A 6 10.78 3.39 -1.36
C LEU A 6 9.45 3.35 -2.10
N GLY A 7 8.38 3.39 -1.33
CA GLY A 7 7.04 3.37 -1.89
C GLY A 7 6.63 1.94 -2.27
N ARG A 8 7.57 1.03 -2.08
CA ARG A 8 7.33 -0.37 -2.39
C ARG A 8 6.99 -1.15 -1.11
N LYS A 9 6.74 -0.39 -0.05
CA LYS A 9 6.40 -0.99 1.22
C LYS A 9 5.09 -0.38 1.75
N ILE A 10 5.02 0.93 1.64
CA ILE A 10 3.85 1.65 2.10
C ILE A 10 2.59 0.98 1.53
N ALA A 11 2.59 0.82 0.22
CA ALA A 11 1.46 0.20 -0.45
C ALA A 11 1.92 -0.36 -1.80
N HIS A 12 0.99 -1.01 -2.48
CA HIS A 12 1.28 -1.60 -3.78
C HIS A 12 0.03 -1.59 -4.63
N GLY A 13 -1.09 -1.92 -4.01
CA GLY A 13 -2.37 -1.95 -4.70
C GLY A 13 -2.96 -0.55 -4.82
N VAL A 14 -2.45 0.36 -4.02
CA VAL A 14 -2.91 1.73 -4.02
C VAL A 14 -2.52 2.38 -5.35
N LYS A 15 -1.38 1.98 -5.85
CA LYS A 15 -0.88 2.52 -7.11
C LYS A 15 -1.87 2.18 -8.23
N LYS A 16 -2.65 1.14 -7.99
CA LYS A 16 -3.65 0.71 -8.96
C LYS A 16 -5.04 1.06 -8.44
N TYR A 17 -5.24 0.84 -7.16
CA TYR A 17 -6.52 1.13 -6.54
C TYR A 17 -6.63 2.61 -6.17
N GLY A 18 -5.91 2.98 -5.11
CA GLY A 18 -5.91 4.35 -4.64
C GLY A 18 -6.43 4.45 -3.21
N PRO A 19 -7.50 3.64 -2.93
CA PRO A 19 -8.09 3.63 -1.60
C PRO A 19 -7.21 2.85 -0.62
N THR A 20 -6.52 1.86 -1.15
CA THR A 20 -5.64 1.04 -0.33
C THR A 20 -4.51 1.88 0.24
N VAL A 21 -4.87 2.80 1.12
CA VAL A 21 -3.90 3.68 1.75
C VAL A 21 -4.07 3.60 3.26
N LEU A 22 -5.00 2.77 3.69
CA LEU A 22 -5.25 2.61 5.11
C LEU A 22 -4.07 1.89 5.77
N ARG A 23 -3.83 2.24 7.03
CA ARG A 23 -2.73 1.64 7.77
C ARG A 23 -1.46 1.64 6.93
N ILE A 24 -1.37 2.62 6.05
CA ILE A 24 -0.21 2.75 5.18
C ILE A 24 0.02 4.22 4.85
N ILE A 25 -1.02 4.85 4.31
CA ILE A 25 -0.94 6.25 3.94
C ILE A 25 -2.06 7.02 4.65
N ARG A 26 -3.15 6.31 4.89
CA ARG A 26 -4.29 6.91 5.56
C ARG A 26 -4.56 8.31 5.01
N ILE A 27 -4.03 8.56 3.81
CA ILE A 27 -4.20 9.85 3.16
C ILE A 27 -4.91 9.65 1.83
N ALA A 28 -4.34 8.76 1.02
CA ALA A 28 -4.92 8.47 -0.28
C ALA A 28 -4.39 9.49 -1.30
N GLY A 29 -3.13 9.84 -1.14
CA GLY A 29 -2.50 10.80 -2.04
C GLY A 29 -3.51 11.84 -2.52
N ARG A 1 6.89 -11.85 -3.75
CA ARG A 1 6.41 -10.73 -4.55
C ARG A 1 7.53 -9.70 -4.73
N GLY A 2 8.16 -9.35 -3.62
CA GLY A 2 9.24 -8.38 -3.64
C GLY A 2 9.42 -7.73 -2.27
N LEU A 3 9.36 -8.56 -1.24
CA LEU A 3 9.52 -8.08 0.12
C LEU A 3 8.74 -6.78 0.28
N ARG A 4 7.48 -6.93 0.68
CA ARG A 4 6.61 -5.78 0.89
C ARG A 4 7.11 -4.93 2.05
N ARG A 5 8.22 -4.22 1.79
CA ARG A 5 8.81 -3.37 2.80
C ARG A 5 10.05 -2.67 2.25
N LEU A 6 10.75 -3.39 1.39
CA LEU A 6 11.95 -2.84 0.78
C LEU A 6 11.59 -1.66 -0.12
N GLY A 7 10.33 -1.64 -0.52
CA GLY A 7 9.84 -0.58 -1.38
C GLY A 7 8.37 -0.80 -1.74
N ARG A 8 8.01 -2.06 -1.90
CA ARG A 8 6.65 -2.42 -2.25
C ARG A 8 5.78 -2.51 -0.98
N LYS A 9 5.77 -1.41 -0.25
CA LYS A 9 4.99 -1.36 0.98
C LYS A 9 4.29 0.00 1.08
N ILE A 10 5.05 1.05 0.80
CA ILE A 10 4.52 2.40 0.84
C ILE A 10 3.28 2.49 -0.04
N ALA A 11 3.48 2.18 -1.31
CA ALA A 11 2.40 2.22 -2.27
C ALA A 11 1.68 0.86 -2.29
N HIS A 12 1.60 0.29 -3.48
CA HIS A 12 0.94 -1.00 -3.64
C HIS A 12 -0.42 -0.98 -2.93
N GLY A 13 -1.47 -1.04 -3.73
CA GLY A 13 -2.82 -1.04 -3.19
C GLY A 13 -3.40 0.39 -3.19
N VAL A 14 -2.57 1.33 -3.60
CA VAL A 14 -2.99 2.72 -3.65
C VAL A 14 -2.52 3.33 -4.97
N LYS A 15 -1.27 3.07 -5.31
CA LYS A 15 -0.69 3.60 -6.53
C LYS A 15 -1.33 2.90 -7.73
N LYS A 16 -1.73 1.65 -7.51
CA LYS A 16 -2.35 0.87 -8.57
C LYS A 16 -3.83 0.65 -8.22
N TYR A 17 -4.08 0.50 -6.94
CA TYR A 17 -5.45 0.28 -6.46
C TYR A 17 -6.17 1.61 -6.25
N GLY A 18 -5.80 2.28 -5.16
CA GLY A 18 -6.40 3.56 -4.83
C GLY A 18 -7.10 3.50 -3.47
N PRO A 19 -7.79 2.35 -3.23
CA PRO A 19 -8.50 2.16 -1.97
C PRO A 19 -7.53 1.86 -0.83
N THR A 20 -6.96 0.67 -0.87
CA THR A 20 -6.02 0.25 0.15
C THR A 20 -5.25 1.46 0.70
N VAL A 21 -5.88 2.14 1.65
CA VAL A 21 -5.27 3.30 2.26
C VAL A 21 -3.74 3.16 2.21
N LEU A 22 -3.09 4.28 1.98
CA LEU A 22 -1.63 4.31 1.92
C LEU A 22 -1.16 5.68 1.45
N ARG A 23 -1.41 5.95 0.17
CA ARG A 23 -1.02 7.22 -0.42
C ARG A 23 -2.21 8.17 -0.45
N ILE A 24 -3.30 7.74 0.17
CA ILE A 24 -4.50 8.55 0.22
C ILE A 24 -4.89 8.79 1.68
N ILE A 25 -4.81 7.74 2.46
CA ILE A 25 -5.14 7.83 3.88
C ILE A 25 -3.89 7.56 4.72
N ARG A 26 -3.10 6.60 4.25
CA ARG A 26 -1.88 6.23 4.93
C ARG A 26 -2.13 6.12 6.44
N ILE A 27 -3.40 6.08 6.80
CA ILE A 27 -3.79 5.97 8.20
C ILE A 27 -4.64 4.72 8.39
N ALA A 28 -5.64 4.58 7.53
CA ALA A 28 -6.52 3.44 7.60
C ALA A 28 -7.35 3.51 8.88
N GLY A 29 -7.71 4.74 9.24
CA GLY A 29 -8.50 4.97 10.43
C GLY A 29 -9.82 4.20 10.37
N ARG A 1 7.55 -9.14 9.60
CA ARG A 1 6.40 -9.94 9.23
C ARG A 1 6.28 -10.03 7.70
N GLY A 2 6.40 -8.87 7.06
CA GLY A 2 6.31 -8.81 5.61
C GLY A 2 7.70 -8.92 4.98
N LEU A 3 7.95 -8.04 4.01
CA LEU A 3 9.23 -8.03 3.32
C LEU A 3 9.55 -6.61 2.89
N ARG A 4 10.85 -6.31 2.88
CA ARG A 4 11.31 -4.99 2.50
C ARG A 4 10.37 -3.91 3.05
N ARG A 5 10.35 -2.78 2.37
CA ARG A 5 9.50 -1.68 2.78
C ARG A 5 9.64 -0.51 1.81
N LEU A 6 10.85 -0.35 1.30
CA LEU A 6 11.13 0.73 0.36
C LEU A 6 10.57 0.36 -1.01
N GLY A 7 10.97 -0.81 -1.49
CA GLY A 7 10.52 -1.29 -2.78
C GLY A 7 9.06 -0.93 -3.02
N ARG A 8 8.18 -1.87 -2.69
CA ARG A 8 6.76 -1.66 -2.85
C ARG A 8 6.00 -2.14 -1.61
N LYS A 9 6.02 -1.30 -0.59
CA LYS A 9 5.34 -1.62 0.66
C LYS A 9 4.42 -0.46 1.04
N ILE A 10 4.99 0.73 1.02
CA ILE A 10 4.23 1.93 1.37
C ILE A 10 2.99 2.02 0.46
N ALA A 11 3.25 2.09 -0.83
CA ALA A 11 2.18 2.18 -1.80
C ALA A 11 1.46 0.84 -1.88
N HIS A 12 1.43 0.28 -3.09
CA HIS A 12 0.78 -1.00 -3.31
C HIS A 12 -0.61 -0.97 -2.68
N GLY A 13 -1.61 -1.01 -3.54
CA GLY A 13 -3.00 -0.99 -3.09
C GLY A 13 -3.59 0.42 -3.19
N VAL A 14 -2.74 1.36 -3.56
CA VAL A 14 -3.17 2.74 -3.70
C VAL A 14 -2.62 3.31 -5.02
N LYS A 15 -1.35 3.06 -5.26
CA LYS A 15 -0.71 3.53 -6.46
C LYS A 15 -1.25 2.76 -7.66
N LYS A 16 -1.62 1.52 -7.41
CA LYS A 16 -2.16 0.66 -8.46
C LYS A 16 -3.65 0.44 -8.21
N TYR A 17 -4.00 0.33 -6.94
CA TYR A 17 -5.39 0.11 -6.55
C TYR A 17 -6.14 1.44 -6.45
N GLY A 18 -5.81 2.19 -5.40
CA GLY A 18 -6.45 3.47 -5.17
C GLY A 18 -7.12 3.51 -3.80
N PRO A 19 -7.69 2.34 -3.39
CA PRO A 19 -8.36 2.24 -2.11
C PRO A 19 -7.34 2.18 -0.96
N THR A 20 -6.75 1.00 -0.80
CA THR A 20 -5.77 0.80 0.25
C THR A 20 -5.15 2.14 0.66
N VAL A 21 -5.86 2.84 1.53
CA VAL A 21 -5.39 4.13 2.01
C VAL A 21 -3.86 4.14 2.04
N LEU A 22 -3.30 5.31 1.75
CA LEU A 22 -1.85 5.46 1.74
C LEU A 22 -1.50 6.87 1.26
N ARG A 23 -0.95 7.65 2.19
CA ARG A 23 -0.55 9.01 1.88
C ARG A 23 -1.69 9.74 1.14
N ILE A 24 -2.87 9.13 1.20
CA ILE A 24 -4.03 9.71 0.55
C ILE A 24 -5.16 9.86 1.56
N ILE A 25 -5.42 8.77 2.29
CA ILE A 25 -6.46 8.79 3.30
C ILE A 25 -5.83 8.56 4.68
N ARG A 26 -4.84 7.68 4.70
CA ARG A 26 -4.14 7.37 5.94
C ARG A 26 -5.16 7.21 7.08
N ILE A 27 -6.40 6.98 6.69
CA ILE A 27 -7.47 6.81 7.67
C ILE A 27 -8.11 5.43 7.48
N ALA A 28 -8.49 5.15 6.24
CA ALA A 28 -9.11 3.89 5.92
C ALA A 28 -10.61 3.97 6.20
N GLY A 29 -11.17 5.14 5.92
CA GLY A 29 -12.59 5.36 6.14
C GLY A 29 -13.43 4.23 5.53
N ARG A 1 7.58 -8.25 9.25
CA ARG A 1 6.98 -6.92 9.19
C ARG A 1 7.76 -6.05 8.21
N GLY A 2 7.02 -5.18 7.54
CA GLY A 2 7.61 -4.28 6.57
C GLY A 2 7.66 -2.84 7.09
N LEU A 3 8.64 -2.10 6.61
CA LEU A 3 8.81 -0.71 7.04
C LEU A 3 9.53 0.07 5.93
N ARG A 4 8.76 0.43 4.92
CA ARG A 4 9.31 1.18 3.79
C ARG A 4 10.76 0.76 3.53
N ARG A 5 10.90 -0.26 2.69
CA ARG A 5 12.22 -0.77 2.35
C ARG A 5 12.11 -1.79 1.22
N LEU A 6 11.02 -2.57 1.26
CA LEU A 6 10.79 -3.58 0.25
C LEU A 6 10.44 -2.90 -1.08
N GLY A 7 10.30 -1.59 -1.01
CA GLY A 7 9.97 -0.81 -2.20
C GLY A 7 8.60 -1.22 -2.76
N ARG A 8 7.81 -1.84 -1.89
CA ARG A 8 6.48 -2.29 -2.28
C ARG A 8 5.58 -2.40 -1.05
N LYS A 9 5.71 -1.41 -0.17
CA LYS A 9 4.92 -1.38 1.05
C LYS A 9 4.19 -0.04 1.14
N ILE A 10 4.96 1.03 0.93
CA ILE A 10 4.40 2.37 0.98
C ILE A 10 3.21 2.47 0.04
N ALA A 11 3.46 2.17 -1.23
CA ALA A 11 2.42 2.23 -2.24
C ALA A 11 1.68 0.89 -2.26
N HIS A 12 1.61 0.31 -3.45
CA HIS A 12 0.94 -0.97 -3.62
C HIS A 12 -0.42 -0.93 -2.92
N GLY A 13 -1.47 -0.97 -3.73
CA GLY A 13 -2.82 -0.95 -3.20
C GLY A 13 -3.40 0.46 -3.25
N VAL A 14 -2.57 1.40 -3.69
CA VAL A 14 -2.99 2.79 -3.78
C VAL A 14 -2.53 3.36 -5.13
N LYS A 15 -1.28 3.08 -5.46
CA LYS A 15 -0.71 3.56 -6.71
C LYS A 15 -1.38 2.83 -7.87
N LYS A 16 -1.78 1.60 -7.61
CA LYS A 16 -2.44 0.78 -8.63
C LYS A 16 -3.91 0.59 -8.25
N TYR A 17 -4.14 0.46 -6.95
CA TYR A 17 -5.49 0.27 -6.45
C TYR A 17 -6.18 1.60 -6.20
N GLY A 18 -5.78 2.25 -5.11
CA GLY A 18 -6.36 3.53 -4.76
C GLY A 18 -6.96 3.49 -3.34
N PRO A 19 -7.70 2.39 -3.08
CA PRO A 19 -8.34 2.21 -1.78
C PRO A 19 -7.31 1.84 -0.72
N THR A 20 -6.31 1.07 -1.14
CA THR A 20 -5.26 0.64 -0.24
C THR A 20 -5.86 0.11 1.06
N VAL A 21 -6.30 1.03 1.91
CA VAL A 21 -6.90 0.67 3.18
C VAL A 21 -8.01 -0.37 2.94
N LEU A 22 -8.75 -0.65 3.99
CA LEU A 22 -9.84 -1.61 3.91
C LEU A 22 -9.36 -2.96 4.44
N ARG A 23 -8.62 -3.66 3.58
CA ARG A 23 -8.10 -4.97 3.94
C ARG A 23 -6.82 -4.82 4.78
N ILE A 24 -6.56 -3.59 5.18
CA ILE A 24 -5.39 -3.29 5.99
C ILE A 24 -5.80 -2.43 7.18
N ILE A 25 -6.62 -1.43 6.90
CA ILE A 25 -7.09 -0.53 7.93
C ILE A 25 -8.59 -0.78 8.18
N ARG A 26 -9.24 -1.31 7.15
CA ARG A 26 -10.66 -1.60 7.25
C ARG A 26 -11.41 -0.43 7.89
N ILE A 27 -10.74 0.72 7.90
CA ILE A 27 -11.32 1.92 8.47
C ILE A 27 -11.41 3.00 7.39
N ALA A 28 -10.28 3.23 6.73
CA ALA A 28 -10.22 4.24 5.69
C ALA A 28 -10.53 5.62 6.29
N GLY A 29 -10.07 5.81 7.52
CA GLY A 29 -10.29 7.06 8.20
C GLY A 29 -11.61 7.70 7.79
N ARG A 1 0.51 -7.35 0.39
CA ARG A 1 1.42 -6.66 1.29
C ARG A 1 2.84 -7.19 1.13
N GLY A 2 3.78 -6.50 1.75
CA GLY A 2 5.17 -6.90 1.69
C GLY A 2 5.95 -6.38 2.91
N LEU A 3 7.25 -6.21 2.71
CA LEU A 3 8.10 -5.73 3.79
C LEU A 3 8.40 -4.25 3.57
N ARG A 4 8.84 -3.61 4.63
CA ARG A 4 9.17 -2.19 4.57
C ARG A 4 10.63 -1.99 4.16
N ARG A 5 10.87 -2.16 2.86
CA ARG A 5 12.21 -2.01 2.32
C ARG A 5 12.26 -2.45 0.87
N LEU A 6 11.38 -3.40 0.54
CA LEU A 6 11.30 -3.92 -0.81
C LEU A 6 10.78 -2.83 -1.75
N GLY A 7 10.36 -1.73 -1.14
CA GLY A 7 9.82 -0.61 -1.91
C GLY A 7 8.42 -0.92 -2.43
N ARG A 8 7.82 -1.95 -1.85
CA ARG A 8 6.48 -2.35 -2.25
C ARG A 8 5.58 -2.48 -1.01
N LYS A 9 5.66 -1.47 -0.15
CA LYS A 9 4.85 -1.46 1.06
C LYS A 9 4.14 -0.11 1.18
N ILE A 10 4.90 0.95 0.96
CA ILE A 10 4.35 2.29 1.04
C ILE A 10 3.14 2.41 0.10
N ALA A 11 3.40 2.18 -1.18
CA ALA A 11 2.35 2.24 -2.18
C ALA A 11 1.65 0.88 -2.27
N HIS A 12 1.61 0.36 -3.48
CA HIS A 12 0.97 -0.92 -3.72
C HIS A 12 -0.39 -0.96 -3.03
N GLY A 13 -1.43 -0.98 -3.85
CA GLY A 13 -2.79 -1.02 -3.33
C GLY A 13 -3.41 0.37 -3.33
N VAL A 14 -2.61 1.35 -3.71
CA VAL A 14 -3.05 2.73 -3.76
C VAL A 14 -2.62 3.36 -5.07
N LYS A 15 -1.36 3.13 -5.42
CA LYS A 15 -0.82 3.68 -6.65
C LYS A 15 -1.43 2.94 -7.84
N LYS A 16 -1.81 1.69 -7.61
CA LYS A 16 -2.41 0.89 -8.65
C LYS A 16 -3.88 0.62 -8.30
N TYR A 17 -4.12 0.45 -7.01
CA TYR A 17 -5.47 0.20 -6.54
C TYR A 17 -6.23 1.50 -6.30
N GLY A 18 -5.85 2.19 -5.22
CA GLY A 18 -6.49 3.45 -4.89
C GLY A 18 -7.07 3.40 -3.47
N PRO A 19 -7.61 2.20 -3.10
CA PRO A 19 -8.20 2.01 -1.79
C PRO A 19 -7.13 1.88 -0.72
N THR A 20 -6.47 0.74 -0.72
CA THR A 20 -5.42 0.47 0.25
C THR A 20 -4.82 1.78 0.76
N VAL A 21 -5.41 2.29 1.83
CA VAL A 21 -4.96 3.54 2.42
C VAL A 21 -3.43 3.53 2.48
N LEU A 22 -2.90 4.41 3.32
CA LEU A 22 -1.46 4.53 3.47
C LEU A 22 -0.94 5.65 2.58
N ARG A 23 -0.19 6.56 3.19
CA ARG A 23 0.37 7.68 2.46
C ARG A 23 -0.71 8.36 1.62
N ILE A 24 -1.95 7.98 1.89
CA ILE A 24 -3.08 8.54 1.17
C ILE A 24 -4.18 8.92 2.17
N ILE A 25 -4.51 7.97 3.03
CA ILE A 25 -5.53 8.20 4.04
C ILE A 25 -4.93 8.01 5.43
N ARG A 26 -3.89 7.19 5.48
CA ARG A 26 -3.22 6.91 6.74
C ARG A 26 -4.24 6.73 7.85
N ILE A 27 -5.44 6.35 7.47
CA ILE A 27 -6.52 6.14 8.43
C ILE A 27 -6.95 4.68 8.39
N ALA A 28 -7.32 4.24 7.20
CA ALA A 28 -7.76 2.86 7.03
C ALA A 28 -9.09 2.65 7.74
N GLY A 29 -9.99 3.60 7.53
CA GLY A 29 -11.31 3.53 8.15
C GLY A 29 -12.21 2.56 7.40
N ARG A 1 12.57 2.34 -5.40
CA ARG A 1 11.62 1.72 -4.50
C ARG A 1 11.57 0.20 -4.74
N GLY A 2 10.45 -0.39 -4.38
CA GLY A 2 10.27 -1.83 -4.54
C GLY A 2 11.37 -2.60 -3.80
N LEU A 3 11.34 -2.49 -2.48
CA LEU A 3 12.32 -3.18 -1.66
C LEU A 3 11.63 -4.29 -0.87
N ARG A 4 10.35 -4.46 -1.14
CA ARG A 4 9.56 -5.48 -0.47
C ARG A 4 9.01 -4.93 0.85
N ARG A 5 9.26 -3.64 1.08
CA ARG A 5 8.79 -2.98 2.28
C ARG A 5 9.27 -1.53 2.31
N LEU A 6 10.50 -1.34 1.87
CA LEU A 6 11.08 0.00 1.84
C LEU A 6 10.51 0.77 0.66
N GLY A 7 9.73 0.06 -0.15
CA GLY A 7 9.12 0.67 -1.32
C GLY A 7 7.88 -0.10 -1.76
N ARG A 8 8.00 -1.43 -1.75
CA ARG A 8 6.91 -2.29 -2.13
C ARG A 8 5.97 -2.52 -0.95
N LYS A 9 5.70 -1.45 -0.23
CA LYS A 9 4.83 -1.51 0.93
C LYS A 9 4.06 -0.19 1.07
N ILE A 10 4.81 0.89 0.97
CA ILE A 10 4.22 2.22 1.08
C ILE A 10 3.03 2.33 0.12
N ALA A 11 3.32 2.09 -1.15
CA ALA A 11 2.28 2.16 -2.17
C ALA A 11 1.56 0.81 -2.24
N HIS A 12 1.51 0.26 -3.46
CA HIS A 12 0.84 -1.00 -3.68
C HIS A 12 -0.53 -1.00 -3.00
N GLY A 13 -1.57 -1.02 -3.82
CA GLY A 13 -2.92 -1.01 -3.31
C GLY A 13 -3.51 0.40 -3.33
N VAL A 14 -2.68 1.35 -3.72
CA VAL A 14 -3.10 2.74 -3.78
C VAL A 14 -2.64 3.34 -5.11
N LYS A 15 -1.38 3.08 -5.44
CA LYS A 15 -0.80 3.59 -6.66
C LYS A 15 -1.44 2.87 -7.86
N LYS A 16 -1.81 1.63 -7.63
CA LYS A 16 -2.43 0.82 -8.66
C LYS A 16 -3.90 0.61 -8.33
N TYR A 17 -4.17 0.46 -7.03
CA TYR A 17 -5.53 0.25 -6.57
C TYR A 17 -6.24 1.58 -6.32
N GLY A 18 -5.84 2.24 -5.25
CA GLY A 18 -6.43 3.52 -4.90
C GLY A 18 -6.94 3.52 -3.46
N PRO A 19 -7.56 2.37 -3.07
CA PRO A 19 -8.09 2.22 -1.73
C PRO A 19 -6.97 1.99 -0.72
N THR A 20 -6.51 0.74 -0.66
CA THR A 20 -5.45 0.38 0.25
C THR A 20 -4.62 1.61 0.63
N VAL A 21 -5.16 2.38 1.56
CA VAL A 21 -4.48 3.59 2.02
C VAL A 21 -3.39 3.21 3.02
N LEU A 22 -3.43 3.86 4.17
CA LEU A 22 -2.46 3.60 5.21
C LEU A 22 -1.05 3.84 4.66
N ARG A 23 -0.19 4.33 5.53
CA ARG A 23 1.19 4.60 5.15
C ARG A 23 1.23 5.48 3.90
N ILE A 24 0.06 6.02 3.55
CA ILE A 24 -0.05 6.87 2.38
C ILE A 24 -1.19 7.87 2.59
N ILE A 25 -2.38 7.33 2.79
CA ILE A 25 -3.56 8.16 3.01
C ILE A 25 -4.02 8.00 4.46
N ARG A 26 -3.75 6.82 5.01
CA ARG A 26 -4.15 6.54 6.38
C ARG A 26 -5.55 7.08 6.66
N ILE A 27 -6.30 7.27 5.60
CA ILE A 27 -7.65 7.80 5.71
C ILE A 27 -8.64 6.76 5.18
N ALA A 28 -8.42 6.36 3.94
CA ALA A 28 -9.28 5.37 3.30
C ALA A 28 -10.68 5.97 3.13
N GLY A 29 -10.71 7.23 2.75
CA GLY A 29 -11.97 7.93 2.55
C GLY A 29 -12.76 7.30 1.40
N ARG A 1 12.99 -12.58 -6.10
CA ARG A 1 11.78 -11.80 -6.26
C ARG A 1 11.87 -10.49 -5.48
N GLY A 2 12.20 -10.62 -4.20
CA GLY A 2 12.33 -9.45 -3.35
C GLY A 2 13.75 -9.33 -2.80
N LEU A 3 14.12 -10.30 -1.98
CA LEU A 3 15.45 -10.31 -1.39
C LEU A 3 15.84 -8.89 -0.99
N ARG A 4 14.91 -8.22 -0.31
CA ARG A 4 15.13 -6.87 0.14
C ARG A 4 14.16 -6.51 1.27
N ARG A 5 13.91 -5.22 1.40
CA ARG A 5 13.00 -4.73 2.43
C ARG A 5 12.90 -3.21 2.38
N LEU A 6 14.02 -2.59 2.04
CA LEU A 6 14.07 -1.14 1.95
C LEU A 6 13.38 -0.68 0.66
N GLY A 7 13.85 -1.24 -0.45
CA GLY A 7 13.29 -0.90 -1.74
C GLY A 7 11.78 -0.70 -1.64
N ARG A 8 11.05 -1.77 -1.94
CA ARG A 8 9.60 -1.73 -1.89
C ARG A 8 9.06 -2.98 -1.17
N LYS A 9 9.10 -2.93 0.15
CA LYS A 9 8.62 -4.04 0.96
C LYS A 9 7.65 -3.51 2.01
N ILE A 10 8.05 -2.42 2.65
CA ILE A 10 7.23 -1.80 3.68
C ILE A 10 5.84 -1.51 3.11
N ALA A 11 5.81 -0.73 2.04
CA ALA A 11 4.57 -0.38 1.40
C ALA A 11 4.19 -1.47 0.38
N HIS A 12 3.95 -1.03 -0.85
CA HIS A 12 3.58 -1.94 -1.91
C HIS A 12 2.51 -2.92 -1.40
N GLY A 13 1.31 -2.75 -1.93
CA GLY A 13 0.20 -3.59 -1.55
C GLY A 13 -0.69 -2.89 -0.51
N VAL A 14 -0.25 -1.71 -0.11
CA VAL A 14 -0.99 -0.94 0.87
C VAL A 14 -1.05 0.52 0.42
N LYS A 15 0.08 1.01 -0.06
CA LYS A 15 0.17 2.38 -0.53
C LYS A 15 -0.60 2.52 -1.84
N LYS A 16 -0.59 1.45 -2.62
CA LYS A 16 -1.29 1.43 -3.89
C LYS A 16 -2.52 0.53 -3.79
N TYR A 17 -2.37 -0.53 -3.00
CA TYR A 17 -3.46 -1.47 -2.82
C TYR A 17 -4.40 -1.00 -1.71
N GLY A 18 -3.81 -0.56 -0.61
CA GLY A 18 -4.58 -0.09 0.53
C GLY A 18 -5.67 0.88 0.08
N PRO A 19 -5.28 1.82 -0.82
CA PRO A 19 -6.22 2.80 -1.34
C PRO A 19 -7.17 2.17 -2.36
N THR A 20 -6.63 1.21 -3.10
CA THR A 20 -7.42 0.53 -4.11
C THR A 20 -8.21 -0.62 -3.48
N VAL A 21 -8.99 -0.27 -2.46
CA VAL A 21 -9.80 -1.27 -1.76
C VAL A 21 -10.60 -2.06 -2.78
N LEU A 22 -11.48 -2.90 -2.27
CA LEU A 22 -12.32 -3.73 -3.12
C LEU A 22 -11.70 -5.13 -3.23
N ARG A 23 -10.64 -5.21 -4.01
CA ARG A 23 -9.95 -6.47 -4.20
C ARG A 23 -9.04 -6.78 -3.01
N ILE A 24 -9.14 -5.93 -2.00
CA ILE A 24 -8.35 -6.09 -0.79
C ILE A 24 -9.26 -6.00 0.43
N ILE A 25 -10.16 -5.01 0.38
CA ILE A 25 -11.08 -4.81 1.48
C ILE A 25 -12.49 -5.22 1.03
N ARG A 26 -12.70 -5.19 -0.27
CA ARG A 26 -13.99 -5.57 -0.83
C ARG A 26 -15.12 -4.93 -0.03
N ILE A 27 -14.75 -3.92 0.74
CA ILE A 27 -15.73 -3.21 1.56
C ILE A 27 -15.77 -1.74 1.16
N ALA A 28 -14.60 -1.14 1.12
CA ALA A 28 -14.49 0.27 0.74
C ALA A 28 -15.22 1.12 1.78
N GLY A 29 -15.14 0.68 3.02
CA GLY A 29 -15.78 1.40 4.11
C GLY A 29 -15.47 2.90 4.04
N ARG A 1 9.36 -13.85 -5.78
CA ARG A 1 9.09 -12.42 -5.75
C ARG A 1 8.84 -11.97 -4.31
N GLY A 2 9.92 -11.68 -3.61
CA GLY A 2 9.83 -11.23 -2.23
C GLY A 2 11.21 -11.18 -1.59
N LEU A 3 11.99 -10.20 -1.99
CA LEU A 3 13.34 -10.03 -1.46
C LEU A 3 13.51 -8.60 -0.95
N ARG A 4 14.68 -8.33 -0.41
CA ARG A 4 14.99 -7.00 0.10
C ARG A 4 14.03 -6.65 1.24
N ARG A 5 13.83 -5.35 1.43
CA ARG A 5 12.95 -4.87 2.48
C ARG A 5 12.89 -3.34 2.45
N LEU A 6 14.03 -2.74 2.14
CA LEU A 6 14.12 -1.30 2.09
C LEU A 6 13.46 -0.80 0.79
N GLY A 7 13.93 -1.33 -0.32
CA GLY A 7 13.40 -0.95 -1.62
C GLY A 7 11.89 -0.73 -1.55
N ARG A 8 11.15 -1.78 -1.86
CA ARG A 8 9.70 -1.71 -1.84
C ARG A 8 9.13 -2.95 -1.16
N LYS A 9 9.13 -2.93 0.17
CA LYS A 9 8.60 -4.04 0.94
C LYS A 9 7.62 -3.51 1.99
N ILE A 10 8.03 -2.42 2.65
CA ILE A 10 7.21 -1.81 3.67
C ILE A 10 5.82 -1.52 3.10
N ALA A 11 5.82 -0.74 2.02
CA ALA A 11 4.57 -0.38 1.37
C ALA A 11 4.20 -1.47 0.36
N HIS A 12 3.95 -1.03 -0.87
CA HIS A 12 3.57 -1.96 -1.93
C HIS A 12 2.51 -2.92 -1.42
N GLY A 13 1.30 -2.75 -1.94
CA GLY A 13 0.18 -3.60 -1.55
C GLY A 13 -0.70 -2.89 -0.51
N VAL A 14 -0.26 -1.71 -0.11
CA VAL A 14 -1.00 -0.94 0.86
C VAL A 14 -1.05 0.53 0.41
N LYS A 15 0.08 1.00 -0.08
CA LYS A 15 0.17 2.38 -0.55
C LYS A 15 -0.61 2.52 -1.85
N LYS A 16 -0.60 1.44 -2.64
CA LYS A 16 -1.30 1.43 -3.91
C LYS A 16 -2.54 0.54 -3.80
N TYR A 17 -2.39 -0.53 -3.02
CA TYR A 17 -3.47 -1.47 -2.81
C TYR A 17 -4.42 -1.00 -1.71
N GLY A 18 -3.81 -0.56 -0.61
CA GLY A 18 -4.57 -0.08 0.53
C GLY A 18 -5.67 0.88 0.08
N PRO A 19 -5.28 1.82 -0.82
CA PRO A 19 -6.22 2.80 -1.33
C PRO A 19 -7.17 2.18 -2.35
N THR A 20 -6.64 1.22 -3.09
CA THR A 20 -7.44 0.53 -4.09
C THR A 20 -8.23 -0.62 -3.47
N VAL A 21 -9.00 -0.27 -2.45
CA VAL A 21 -9.81 -1.25 -1.75
C VAL A 21 -10.62 -2.06 -2.76
N LEU A 22 -11.51 -2.88 -2.25
CA LEU A 22 -12.35 -3.72 -3.10
C LEU A 22 -11.70 -5.08 -3.26
N ARG A 23 -10.62 -5.11 -4.04
CA ARG A 23 -9.91 -6.35 -4.30
C ARG A 23 -9.01 -6.69 -3.10
N ILE A 24 -9.13 -5.87 -2.06
CA ILE A 24 -8.33 -6.07 -0.86
C ILE A 24 -9.25 -6.02 0.36
N ILE A 25 -10.15 -5.05 0.35
CA ILE A 25 -11.09 -4.88 1.44
C ILE A 25 -12.48 -5.32 1.00
N ARG A 26 -12.69 -5.26 -0.32
CA ARG A 26 -13.97 -5.65 -0.89
C ARG A 26 -15.12 -5.06 -0.05
N ILE A 27 -14.78 -4.07 0.75
CA ILE A 27 -15.77 -3.41 1.58
C ILE A 27 -15.83 -1.92 1.22
N ALA A 28 -14.67 -1.30 1.20
CA ALA A 28 -14.59 0.11 0.88
C ALA A 28 -15.35 0.93 1.93
N GLY A 29 -15.27 0.45 3.17
CA GLY A 29 -15.94 1.12 4.28
C GLY A 29 -15.19 2.39 4.67
N ARG A 1 8.63 -10.10 -7.99
CA ARG A 1 9.81 -10.77 -7.48
C ARG A 1 9.76 -10.88 -5.96
N GLY A 2 10.03 -9.76 -5.31
CA GLY A 2 10.01 -9.70 -3.86
C GLY A 2 11.42 -9.49 -3.30
N LEU A 3 11.76 -10.28 -2.30
CA LEU A 3 13.07 -10.18 -1.67
C LEU A 3 13.30 -8.74 -1.21
N ARG A 4 14.43 -8.54 -0.55
CA ARG A 4 14.79 -7.22 -0.06
C ARG A 4 13.87 -6.83 1.10
N ARG A 5 13.71 -5.52 1.26
CA ARG A 5 12.87 -4.99 2.31
C ARG A 5 12.85 -3.47 2.28
N LEU A 6 13.99 -2.91 1.91
CA LEU A 6 14.12 -1.46 1.83
C LEU A 6 13.44 -0.97 0.55
N GLY A 7 13.84 -1.54 -0.57
CA GLY A 7 13.28 -1.17 -1.85
C GLY A 7 11.78 -0.92 -1.75
N ARG A 8 11.01 -1.96 -2.03
CA ARG A 8 9.56 -1.87 -1.96
C ARG A 8 8.98 -3.09 -1.24
N LYS A 9 9.01 -3.01 0.08
CA LYS A 9 8.49 -4.10 0.89
C LYS A 9 7.54 -3.53 1.95
N ILE A 10 7.99 -2.45 2.57
CA ILE A 10 7.19 -1.79 3.60
C ILE A 10 5.80 -1.50 3.06
N ALA A 11 5.78 -0.74 1.97
CA ALA A 11 4.53 -0.38 1.34
C ALA A 11 4.10 -1.49 0.37
N HIS A 12 3.84 -1.08 -0.87
CA HIS A 12 3.44 -2.03 -1.90
C HIS A 12 2.35 -2.94 -1.34
N GLY A 13 1.14 -2.76 -1.85
CA GLY A 13 0.00 -3.56 -1.41
C GLY A 13 -0.83 -2.82 -0.39
N VAL A 14 -0.37 -1.62 -0.04
CA VAL A 14 -1.06 -0.80 0.94
C VAL A 14 -1.09 0.65 0.44
N LYS A 15 0.04 1.08 -0.09
CA LYS A 15 0.15 2.44 -0.61
C LYS A 15 -0.67 2.56 -1.91
N LYS A 16 -0.71 1.46 -2.64
CA LYS A 16 -1.44 1.43 -3.89
C LYS A 16 -2.69 0.55 -3.72
N TYR A 17 -2.55 -0.49 -2.91
CA TYR A 17 -3.64 -1.41 -2.66
C TYR A 17 -4.54 -0.88 -1.55
N GLY A 18 -3.90 -0.41 -0.48
CA GLY A 18 -4.63 0.12 0.65
C GLY A 18 -5.71 1.11 0.21
N PRO A 19 -5.30 2.03 -0.72
CA PRO A 19 -6.21 3.03 -1.23
C PRO A 19 -7.19 2.42 -2.23
N THR A 20 -6.66 1.54 -3.07
CA THR A 20 -7.47 0.87 -4.07
C THR A 20 -7.74 -0.58 -3.67
N VAL A 21 -8.39 -0.73 -2.53
CA VAL A 21 -8.71 -2.07 -2.03
C VAL A 21 -9.48 -2.84 -3.10
N LEU A 22 -10.24 -3.81 -2.64
CA LEU A 22 -11.03 -4.64 -3.55
C LEU A 22 -10.19 -5.83 -4.00
N ARG A 23 -10.79 -7.01 -3.88
CA ARG A 23 -10.10 -8.23 -4.28
C ARG A 23 -8.69 -8.26 -3.70
N ILE A 24 -8.45 -7.37 -2.76
CA ILE A 24 -7.14 -7.28 -2.13
C ILE A 24 -7.34 -7.07 -0.62
N ILE A 25 -8.16 -6.10 -0.28
CA ILE A 25 -8.43 -5.79 1.11
C ILE A 25 -9.93 -5.98 1.39
N ARG A 26 -10.72 -5.75 0.35
CA ARG A 26 -12.17 -5.88 0.47
C ARG A 26 -12.64 -5.29 1.79
N ILE A 27 -11.80 -4.44 2.37
CA ILE A 27 -12.14 -3.79 3.63
C ILE A 27 -12.10 -2.27 3.45
N ALA A 28 -10.98 -1.79 2.95
CA ALA A 28 -10.81 -0.37 2.73
C ALA A 28 -10.88 0.37 4.07
N GLY A 29 -10.35 -0.28 5.09
CA GLY A 29 -10.34 0.30 6.43
C GLY A 29 -9.29 1.40 6.53
N ARG A 1 11.90 -10.82 -2.47
CA ARG A 1 11.39 -10.63 -1.13
C ARG A 1 12.35 -11.24 -0.11
N GLY A 2 13.31 -10.43 0.30
CA GLY A 2 14.30 -10.87 1.27
C GLY A 2 15.26 -9.74 1.65
N LEU A 3 16.49 -9.87 1.17
CA LEU A 3 17.50 -8.87 1.44
C LEU A 3 16.89 -7.46 1.27
N ARG A 4 16.22 -7.29 0.13
CA ARG A 4 15.59 -6.01 -0.16
C ARG A 4 14.69 -5.59 0.99
N ARG A 5 14.34 -4.31 0.99
CA ARG A 5 13.48 -3.76 2.03
C ARG A 5 13.28 -2.26 1.81
N LEU A 6 14.33 -1.62 1.31
CA LEU A 6 14.28 -0.20 1.06
C LEU A 6 13.48 0.07 -0.21
N GLY A 7 13.90 -0.58 -1.29
CA GLY A 7 13.23 -0.43 -2.57
C GLY A 7 11.71 -0.31 -2.38
N ARG A 8 11.05 -1.45 -2.48
CA ARG A 8 9.61 -1.49 -2.33
C ARG A 8 9.20 -2.68 -1.44
N LYS A 9 9.31 -2.46 -0.14
CA LYS A 9 8.96 -3.49 0.82
C LYS A 9 8.02 -2.90 1.87
N ILE A 10 8.40 -1.72 2.35
CA ILE A 10 7.61 -1.05 3.37
C ILE A 10 6.15 -0.94 2.88
N ALA A 11 5.98 -0.31 1.73
CA ALA A 11 4.66 -0.14 1.16
C ALA A 11 4.30 -1.37 0.33
N HIS A 12 3.91 -1.12 -0.91
CA HIS A 12 3.54 -2.20 -1.80
C HIS A 12 2.61 -3.18 -1.08
N GLY A 13 1.35 -3.17 -1.50
CA GLY A 13 0.36 -4.05 -0.89
C GLY A 13 -0.49 -3.30 0.13
N VAL A 14 -0.12 -2.04 0.34
CA VAL A 14 -0.85 -1.20 1.28
C VAL A 14 -1.07 0.18 0.67
N LYS A 15 -0.04 0.68 0.01
CA LYS A 15 -0.12 1.99 -0.63
C LYS A 15 -1.03 1.89 -1.86
N LYS A 16 -0.98 0.73 -2.50
CA LYS A 16 -1.80 0.50 -3.68
C LYS A 16 -2.93 -0.47 -3.34
N TYR A 17 -2.61 -1.41 -2.45
CA TYR A 17 -3.59 -2.40 -2.03
C TYR A 17 -4.47 -1.86 -0.90
N GLY A 18 -3.81 -1.22 0.05
CA GLY A 18 -4.52 -0.66 1.20
C GLY A 18 -5.71 0.19 0.74
N PRO A 19 -5.43 1.11 -0.22
CA PRO A 19 -6.45 1.99 -0.76
C PRO A 19 -7.38 1.23 -1.71
N THR A 20 -6.77 0.35 -2.49
CA THR A 20 -7.52 -0.43 -3.46
C THR A 20 -8.76 0.32 -3.91
N VAL A 21 -8.59 1.62 -4.13
CA VAL A 21 -9.68 2.46 -4.56
C VAL A 21 -10.35 1.83 -5.79
N LEU A 22 -11.28 2.59 -6.37
CA LEU A 22 -11.99 2.11 -7.55
C LEU A 22 -13.34 1.53 -7.11
N ARG A 23 -13.28 0.34 -6.54
CA ARG A 23 -14.48 -0.34 -6.09
C ARG A 23 -14.93 0.23 -4.73
N ILE A 24 -14.25 1.29 -4.32
CA ILE A 24 -14.57 1.93 -3.06
C ILE A 24 -14.66 3.44 -3.26
N ILE A 25 -13.71 3.96 -4.02
CA ILE A 25 -13.68 5.39 -4.31
C ILE A 25 -14.06 5.63 -5.77
N ARG A 26 -13.84 4.59 -6.57
CA ARG A 26 -14.17 4.67 -8.00
C ARG A 26 -13.67 6.00 -8.57
N ILE A 27 -12.77 6.63 -7.84
CA ILE A 27 -12.22 7.90 -8.26
C ILE A 27 -10.71 7.77 -8.42
N ALA A 28 -10.08 7.26 -7.37
CA ALA A 28 -8.64 7.08 -7.37
C ALA A 28 -7.95 8.43 -7.50
N GLY A 29 -8.57 9.43 -6.88
CA GLY A 29 -8.03 10.78 -6.92
C GLY A 29 -6.57 10.81 -6.43
N ARG A 1 16.80 2.72 1.87
CA ARG A 1 16.10 3.25 0.72
C ARG A 1 16.49 2.49 -0.54
N GLY A 2 17.21 1.39 -0.33
CA GLY A 2 17.66 0.57 -1.44
C GLY A 2 18.22 -0.77 -0.94
N LEU A 3 17.33 -1.56 -0.35
CA LEU A 3 17.72 -2.86 0.18
C LEU A 3 16.56 -3.85 0.00
N ARG A 4 16.71 -5.00 0.62
CA ARG A 4 15.69 -6.04 0.54
C ARG A 4 14.60 -5.78 1.58
N ARG A 5 14.12 -4.55 1.61
CA ARG A 5 13.08 -4.17 2.56
C ARG A 5 12.79 -2.67 2.45
N LEU A 6 13.84 -1.92 2.14
CA LEU A 6 13.71 -0.48 2.01
C LEU A 6 13.04 -0.15 0.69
N GLY A 7 13.59 -0.71 -0.38
CA GLY A 7 13.06 -0.49 -1.72
C GLY A 7 11.54 -0.39 -1.68
N ARG A 8 10.89 -1.52 -1.90
CA ARG A 8 9.44 -1.57 -1.90
C ARG A 8 8.96 -2.83 -1.17
N LYS A 9 9.14 -2.81 0.14
CA LYS A 9 8.73 -3.93 0.97
C LYS A 9 7.72 -3.44 2.02
N ILE A 10 8.11 -2.38 2.71
CA ILE A 10 7.26 -1.80 3.74
C ILE A 10 5.87 -1.53 3.15
N ALA A 11 5.86 -0.75 2.08
CA ALA A 11 4.61 -0.40 1.43
C ALA A 11 4.26 -1.50 0.42
N HIS A 12 4.01 -1.07 -0.81
CA HIS A 12 3.65 -2.00 -1.87
C HIS A 12 2.58 -2.96 -1.37
N GLY A 13 1.38 -2.81 -1.91
CA GLY A 13 0.27 -3.67 -1.53
C GLY A 13 -0.62 -2.97 -0.50
N VAL A 14 -0.20 -1.79 -0.09
CA VAL A 14 -0.94 -1.01 0.88
C VAL A 14 -1.02 0.45 0.41
N LYS A 15 0.11 0.94 -0.06
CA LYS A 15 0.19 2.31 -0.53
C LYS A 15 -0.59 2.44 -1.84
N LYS A 16 -0.55 1.37 -2.62
CA LYS A 16 -1.24 1.36 -3.90
C LYS A 16 -2.46 0.44 -3.80
N TYR A 17 -2.31 -0.61 -3.01
CA TYR A 17 -3.39 -1.57 -2.82
C TYR A 17 -4.33 -1.11 -1.70
N GLY A 18 -3.73 -0.67 -0.60
CA GLY A 18 -4.49 -0.21 0.54
C GLY A 18 -5.63 0.72 0.10
N PRO A 19 -5.31 1.58 -0.90
CA PRO A 19 -6.29 2.52 -1.43
C PRO A 19 -7.31 1.80 -2.32
N THR A 20 -6.82 1.34 -3.45
CA THR A 20 -7.67 0.64 -4.41
C THR A 20 -8.91 0.07 -3.70
N VAL A 21 -8.65 -0.80 -2.73
CA VAL A 21 -9.72 -1.42 -1.98
C VAL A 21 -10.91 -0.47 -1.90
N LEU A 22 -11.84 -0.65 -2.83
CA LEU A 22 -13.02 0.19 -2.89
C LEU A 22 -14.23 -0.68 -3.23
N ARG A 23 -15.24 -0.60 -2.37
CA ARG A 23 -16.46 -1.38 -2.56
C ARG A 23 -16.12 -2.84 -2.85
N ILE A 24 -14.86 -3.18 -2.60
CA ILE A 24 -14.40 -4.54 -2.83
C ILE A 24 -13.86 -5.12 -1.52
N ILE A 25 -12.91 -4.39 -0.94
CA ILE A 25 -12.31 -4.82 0.30
C ILE A 25 -12.73 -3.87 1.43
N ARG A 26 -12.86 -2.60 1.08
CA ARG A 26 -13.26 -1.60 2.04
C ARG A 26 -12.56 -1.83 3.38
N ILE A 27 -11.50 -2.61 3.32
CA ILE A 27 -10.73 -2.93 4.52
C ILE A 27 -9.28 -2.44 4.34
N ALA A 28 -8.70 -2.84 3.22
CA ALA A 28 -7.33 -2.46 2.91
C ALA A 28 -6.39 -3.10 3.93
N GLY A 29 -6.74 -4.30 4.33
CA GLY A 29 -5.94 -5.04 5.30
C GLY A 29 -5.27 -4.08 6.30
N ARG A 1 18.61 0.81 -5.39
CA ARG A 1 18.39 -0.20 -4.37
C ARG A 1 17.59 -1.37 -4.93
N GLY A 2 17.52 -2.43 -4.15
CA GLY A 2 16.78 -3.61 -4.55
C GLY A 2 15.57 -3.85 -3.65
N LEU A 3 15.64 -4.91 -2.88
CA LEU A 3 14.55 -5.26 -1.97
C LEU A 3 15.10 -5.35 -0.54
N ARG A 4 14.48 -4.60 0.35
CA ARG A 4 14.89 -4.60 1.74
C ARG A 4 13.93 -3.74 2.57
N ARG A 5 13.76 -2.50 2.14
CA ARG A 5 12.88 -1.57 2.83
C ARG A 5 12.75 -0.27 2.04
N LEU A 6 13.86 0.13 1.45
CA LEU A 6 13.90 1.36 0.67
C LEU A 6 13.20 1.11 -0.67
N GLY A 7 13.68 0.10 -1.38
CA GLY A 7 13.12 -0.25 -2.67
C GLY A 7 11.60 -0.21 -2.64
N ARG A 8 11.01 -1.38 -2.43
CA ARG A 8 9.56 -1.49 -2.36
C ARG A 8 9.16 -2.67 -1.48
N LYS A 9 9.30 -2.46 -0.17
CA LYS A 9 8.96 -3.50 0.79
C LYS A 9 8.03 -2.91 1.86
N ILE A 10 8.40 -1.72 2.32
CA ILE A 10 7.62 -1.04 3.33
C ILE A 10 6.16 -0.94 2.87
N ALA A 11 5.99 -0.32 1.71
CA ALA A 11 4.65 -0.15 1.15
C ALA A 11 4.29 -1.39 0.34
N HIS A 12 3.90 -1.15 -0.90
CA HIS A 12 3.52 -2.23 -1.79
C HIS A 12 2.59 -3.20 -1.05
N GLY A 13 1.33 -3.20 -1.47
CA GLY A 13 0.33 -4.06 -0.86
C GLY A 13 -0.52 -3.29 0.17
N VAL A 14 -0.14 -2.03 0.36
CA VAL A 14 -0.86 -1.18 1.29
C VAL A 14 -1.08 0.19 0.67
N LYS A 15 -0.04 0.68 0.00
CA LYS A 15 -0.11 1.98 -0.64
C LYS A 15 -1.02 1.89 -1.87
N LYS A 16 -1.00 0.71 -2.50
CA LYS A 16 -1.81 0.48 -3.68
C LYS A 16 -2.94 -0.48 -3.33
N TYR A 17 -2.64 -1.41 -2.43
CA TYR A 17 -3.61 -2.40 -2.00
C TYR A 17 -4.49 -1.84 -0.87
N GLY A 18 -3.83 -1.20 0.08
CA GLY A 18 -4.53 -0.63 1.21
C GLY A 18 -5.72 0.22 0.75
N PRO A 19 -5.42 1.14 -0.21
CA PRO A 19 -6.45 2.01 -0.76
C PRO A 19 -7.39 1.25 -1.70
N THR A 20 -6.79 0.33 -2.44
CA THR A 20 -7.55 -0.48 -3.38
C THR A 20 -8.71 0.34 -3.97
N VAL A 21 -8.44 1.61 -4.18
CA VAL A 21 -9.44 2.51 -4.73
C VAL A 21 -10.26 1.77 -5.81
N LEU A 22 -9.60 0.81 -6.43
CA LEU A 22 -10.24 0.02 -7.47
C LEU A 22 -11.38 -0.80 -6.85
N ARG A 23 -11.75 -0.42 -5.63
CA ARG A 23 -12.81 -1.10 -4.92
C ARG A 23 -13.66 -0.10 -4.15
N ILE A 24 -13.34 1.17 -4.35
CA ILE A 24 -14.07 2.23 -3.67
C ILE A 24 -14.23 3.42 -4.63
N ILE A 25 -13.14 3.71 -5.34
CA ILE A 25 -13.15 4.82 -6.28
C ILE A 25 -13.17 4.26 -7.70
N ARG A 26 -12.62 3.06 -7.85
CA ARG A 26 -12.56 2.41 -9.15
C ARG A 26 -12.15 3.42 -10.22
N ILE A 27 -11.54 4.51 -9.77
CA ILE A 27 -11.09 5.54 -10.68
C ILE A 27 -9.58 5.69 -10.58
N ALA A 28 -9.12 5.88 -9.34
CA ALA A 28 -7.70 6.04 -9.09
C ALA A 28 -7.21 7.32 -9.77
N GLY A 29 -8.07 8.33 -9.77
CA GLY A 29 -7.73 9.60 -10.38
C GLY A 29 -7.45 10.65 -9.30
N ARG A 1 14.74 5.01 0.91
CA ARG A 1 15.18 4.26 -0.26
C ARG A 1 16.29 3.28 0.13
N GLY A 2 16.75 2.54 -0.86
CA GLY A 2 17.81 1.57 -0.64
C GLY A 2 17.30 0.14 -0.88
N LEU A 3 15.99 0.01 -0.91
CA LEU A 3 15.38 -1.29 -1.13
C LEU A 3 15.87 -2.26 -0.07
N ARG A 4 16.12 -1.73 1.12
CA ARG A 4 16.60 -2.54 2.22
C ARG A 4 15.49 -2.74 3.25
N ARG A 5 14.73 -1.68 3.47
CA ARG A 5 13.63 -1.73 4.43
C ARG A 5 12.88 -0.40 4.44
N LEU A 6 13.64 0.68 4.27
CA LEU A 6 13.05 2.00 4.25
C LEU A 6 12.35 2.24 2.91
N GLY A 7 13.11 2.00 1.84
CA GLY A 7 12.58 2.18 0.50
C GLY A 7 11.17 1.58 0.38
N ARG A 8 11.12 0.38 -0.18
CA ARG A 8 9.85 -0.31 -0.35
C ARG A 8 9.93 -1.73 0.21
N LYS A 9 9.69 -1.83 1.51
CA LYS A 9 9.73 -3.12 2.19
C LYS A 9 8.41 -3.35 2.93
N ILE A 10 8.00 -2.33 3.67
CA ILE A 10 6.76 -2.40 4.43
C ILE A 10 5.66 -3.01 3.54
N ALA A 11 5.51 -2.43 2.36
CA ALA A 11 4.51 -2.91 1.41
C ALA A 11 4.82 -2.33 0.03
N HIS A 12 4.01 -2.76 -0.94
CA HIS A 12 4.17 -2.29 -2.30
C HIS A 12 2.81 -2.21 -2.99
N GLY A 13 2.01 -3.24 -2.75
CA GLY A 13 0.68 -3.29 -3.34
C GLY A 13 -0.31 -2.44 -2.54
N VAL A 14 0.09 -2.11 -1.33
CA VAL A 14 -0.75 -1.31 -0.45
C VAL A 14 -0.90 0.09 -1.05
N LYS A 15 0.15 0.52 -1.73
CA LYS A 15 0.16 1.84 -2.35
C LYS A 15 -0.96 1.91 -3.39
N LYS A 16 -1.33 0.74 -3.90
CA LYS A 16 -2.37 0.66 -4.90
C LYS A 16 -3.63 0.06 -4.26
N TYR A 17 -3.41 -0.94 -3.41
CA TYR A 17 -4.51 -1.61 -2.74
C TYR A 17 -4.97 -0.82 -1.51
N GLY A 18 -3.98 -0.39 -0.74
CA GLY A 18 -4.26 0.38 0.47
C GLY A 18 -5.29 1.48 0.19
N PRO A 19 -5.05 2.23 -0.91
CA PRO A 19 -5.95 3.31 -1.30
C PRO A 19 -7.23 2.76 -1.93
N THR A 20 -7.09 1.62 -2.60
CA THR A 20 -8.22 0.99 -3.23
C THR A 20 -8.87 -0.02 -2.29
N VAL A 21 -8.91 0.36 -1.01
CA VAL A 21 -9.50 -0.49 0.00
C VAL A 21 -10.60 -1.35 -0.64
N LEU A 22 -10.71 -2.58 -0.16
CA LEU A 22 -11.70 -3.51 -0.66
C LEU A 22 -11.40 -4.91 -0.14
N ARG A 23 -10.36 -5.51 -0.71
CA ARG A 23 -9.97 -6.85 -0.30
C ARG A 23 -8.89 -6.78 0.78
N ILE A 24 -8.65 -5.57 1.26
CA ILE A 24 -7.66 -5.35 2.29
C ILE A 24 -8.31 -4.67 3.49
N ILE A 25 -9.09 -3.64 3.19
CA ILE A 25 -9.76 -2.88 4.23
C ILE A 25 -11.28 -3.11 4.11
N ARG A 26 -11.74 -3.16 2.86
CA ARG A 26 -13.15 -3.37 2.59
C ARG A 26 -14.00 -2.48 3.50
N ILE A 27 -13.33 -1.50 4.11
CA ILE A 27 -14.01 -0.57 5.01
C ILE A 27 -13.83 0.85 4.49
N ALA A 28 -12.58 1.19 4.20
CA ALA A 28 -12.25 2.51 3.71
C ALA A 28 -12.50 3.55 4.82
N GLY A 29 -12.09 3.18 6.02
CA GLY A 29 -12.25 4.06 7.16
C GLY A 29 -11.94 5.51 6.79
N ARG A 1 15.16 6.81 -1.60
CA ARG A 1 13.71 6.98 -1.64
C ARG A 1 13.01 5.64 -1.47
N GLY A 2 13.66 4.75 -0.73
CA GLY A 2 13.11 3.44 -0.49
C GLY A 2 14.20 2.37 -0.51
N LEU A 3 14.64 1.97 0.68
CA LEU A 3 15.67 0.98 0.81
C LEU A 3 15.03 -0.39 1.09
N ARG A 4 14.99 -0.73 2.36
CA ARG A 4 14.41 -2.00 2.78
C ARG A 4 13.69 -1.84 4.13
N ARG A 5 12.80 -0.86 4.17
CA ARG A 5 12.04 -0.60 5.38
C ARG A 5 11.50 0.83 5.36
N LEU A 6 12.15 1.67 4.57
CA LEU A 6 11.74 3.06 4.45
C LEU A 6 10.34 3.13 3.81
N GLY A 7 9.97 2.03 3.16
CA GLY A 7 8.68 1.95 2.52
C GLY A 7 8.71 0.97 1.34
N ARG A 8 9.92 0.71 0.86
CA ARG A 8 10.11 -0.20 -0.25
C ARG A 8 10.17 -1.65 0.24
N LYS A 9 9.83 -1.81 1.52
CA LYS A 9 9.84 -3.13 2.13
C LYS A 9 8.51 -3.35 2.87
N ILE A 10 8.10 -2.31 3.58
CA ILE A 10 6.86 -2.39 4.34
C ILE A 10 5.76 -3.00 3.46
N ALA A 11 5.61 -2.44 2.27
CA ALA A 11 4.60 -2.92 1.34
C ALA A 11 4.89 -2.35 -0.05
N HIS A 12 4.09 -2.77 -1.01
CA HIS A 12 4.24 -2.31 -2.38
C HIS A 12 2.87 -2.24 -3.05
N GLY A 13 2.07 -3.27 -2.82
CA GLY A 13 0.74 -3.34 -3.39
C GLY A 13 -0.25 -2.49 -2.58
N VAL A 14 0.16 -2.15 -1.37
CA VAL A 14 -0.67 -1.35 -0.50
C VAL A 14 -0.83 0.05 -1.09
N LYS A 15 0.22 0.48 -1.78
CA LYS A 15 0.21 1.80 -2.41
C LYS A 15 -0.92 1.86 -3.45
N LYS A 16 -1.28 0.69 -3.94
CA LYS A 16 -2.34 0.59 -4.93
C LYS A 16 -3.59 -0.01 -4.29
N TYR A 17 -3.36 -1.00 -3.44
CA TYR A 17 -4.45 -1.68 -2.75
C TYR A 17 -4.90 -0.89 -1.52
N GLY A 18 -3.91 -0.45 -0.75
CA GLY A 18 -4.18 0.31 0.45
C GLY A 18 -5.22 1.40 0.19
N PRO A 19 -5.02 2.14 -0.95
CA PRO A 19 -5.93 3.21 -1.32
C PRO A 19 -7.23 2.64 -1.89
N THR A 20 -7.10 1.51 -2.57
CA THR A 20 -8.24 0.86 -3.18
C THR A 20 -8.96 -0.01 -2.15
N VAL A 21 -9.30 0.59 -1.02
CA VAL A 21 -9.97 -0.12 0.04
C VAL A 21 -11.18 -0.86 -0.54
N LEU A 22 -11.96 -1.45 0.36
CA LEU A 22 -13.14 -2.20 -0.05
C LEU A 22 -12.80 -3.69 -0.08
N ARG A 23 -12.06 -4.07 -1.11
CA ARG A 23 -11.66 -5.46 -1.27
C ARG A 23 -10.48 -5.78 -0.34
N ILE A 24 -10.12 -4.81 0.48
CA ILE A 24 -9.03 -4.98 1.40
C ILE A 24 -9.47 -4.54 2.81
N ILE A 25 -10.18 -3.42 2.85
CA ILE A 25 -10.68 -2.90 4.11
C ILE A 25 -12.20 -3.09 4.17
N ARG A 26 -12.80 -3.18 3.00
CA ARG A 26 -14.24 -3.37 2.91
C ARG A 26 -14.95 -2.42 3.89
N ILE A 27 -14.22 -1.41 4.32
CA ILE A 27 -14.77 -0.44 5.26
C ILE A 27 -14.73 0.95 4.61
N ALA A 28 -13.54 1.31 4.13
CA ALA A 28 -13.35 2.60 3.50
C ALA A 28 -13.59 3.71 4.52
N GLY A 29 -13.20 3.43 5.76
CA GLY A 29 -13.35 4.39 6.84
C GLY A 29 -12.35 5.53 6.71
N ARG A 1 8.14 -9.32 -2.67
CA ARG A 1 7.74 -8.11 -3.37
C ARG A 1 8.91 -7.55 -4.17
N GLY A 2 10.02 -7.36 -3.48
CA GLY A 2 11.21 -6.83 -4.13
C GLY A 2 12.28 -6.47 -3.09
N LEU A 3 12.50 -5.17 -2.93
CA LEU A 3 13.49 -4.68 -1.98
C LEU A 3 13.30 -5.41 -0.65
N ARG A 4 14.30 -5.27 0.21
CA ARG A 4 14.27 -5.91 1.51
C ARG A 4 14.26 -4.85 2.62
N ARG A 5 14.45 -3.61 2.20
CA ARG A 5 14.47 -2.50 3.15
C ARG A 5 15.28 -1.34 2.58
N LEU A 6 15.46 -1.38 1.27
CA LEU A 6 16.22 -0.34 0.60
C LEU A 6 15.36 0.92 0.47
N GLY A 7 14.05 0.71 0.59
CA GLY A 7 13.11 1.82 0.50
C GLY A 7 11.67 1.32 0.63
N ARG A 8 11.34 0.34 -0.21
CA ARG A 8 10.00 -0.23 -0.20
C ARG A 8 10.04 -1.67 0.30
N LYS A 9 9.73 -1.83 1.58
CA LYS A 9 9.73 -3.14 2.19
C LYS A 9 8.40 -3.36 2.94
N ILE A 10 7.98 -2.32 3.64
CA ILE A 10 6.75 -2.39 4.39
C ILE A 10 5.66 -3.00 3.52
N ALA A 11 5.51 -2.43 2.33
CA ALA A 11 4.51 -2.92 1.39
C ALA A 11 4.80 -2.34 0.00
N HIS A 12 4.00 -2.76 -0.96
CA HIS A 12 4.16 -2.30 -2.34
C HIS A 12 2.79 -2.22 -3.01
N GLY A 13 1.99 -3.24 -2.78
CA GLY A 13 0.66 -3.30 -3.36
C GLY A 13 -0.32 -2.46 -2.56
N VAL A 14 0.08 -2.12 -1.33
CA VAL A 14 -0.75 -1.31 -0.47
C VAL A 14 -0.90 0.09 -1.06
N LYS A 15 0.15 0.52 -1.75
CA LYS A 15 0.15 1.83 -2.37
C LYS A 15 -0.98 1.90 -3.41
N LYS A 16 -1.35 0.73 -3.91
CA LYS A 16 -2.41 0.64 -4.91
C LYS A 16 -3.65 0.05 -4.27
N TYR A 17 -3.43 -0.95 -3.42
CA TYR A 17 -4.53 -1.62 -2.74
C TYR A 17 -4.98 -0.82 -1.51
N GLY A 18 -3.98 -0.39 -0.74
CA GLY A 18 -4.26 0.38 0.47
C GLY A 18 -5.29 1.48 0.19
N PRO A 19 -5.06 2.23 -0.91
CA PRO A 19 -5.96 3.31 -1.29
C PRO A 19 -7.24 2.76 -1.90
N THR A 20 -7.10 1.63 -2.59
CA THR A 20 -8.24 0.99 -3.23
C THR A 20 -8.90 0.00 -2.27
N VAL A 21 -8.94 0.40 -1.00
CA VAL A 21 -9.54 -0.44 0.02
C VAL A 21 -10.64 -1.31 -0.61
N LEU A 22 -10.73 -2.54 -0.11
CA LEU A 22 -11.72 -3.48 -0.62
C LEU A 22 -11.42 -4.87 -0.06
N ARG A 23 -10.38 -5.49 -0.60
CA ARG A 23 -10.00 -6.82 -0.15
C ARG A 23 -8.93 -6.73 0.93
N ILE A 24 -8.70 -5.50 1.39
CA ILE A 24 -7.72 -5.26 2.43
C ILE A 24 -8.37 -4.54 3.60
N ILE A 25 -9.14 -3.51 3.26
CA ILE A 25 -9.83 -2.73 4.28
C ILE A 25 -11.34 -2.95 4.14
N ARG A 26 -11.78 -3.01 2.90
CA ARG A 26 -13.20 -3.20 2.61
C ARG A 26 -14.05 -2.29 3.49
N ILE A 27 -13.38 -1.32 4.10
CA ILE A 27 -14.06 -0.37 4.97
C ILE A 27 -13.84 1.05 4.44
N ALA A 28 -12.58 1.36 4.17
CA ALA A 28 -12.23 2.67 3.66
C ALA A 28 -12.46 3.71 4.75
N GLY A 29 -12.12 3.34 5.97
CA GLY A 29 -12.29 4.23 7.11
C GLY A 29 -11.96 5.68 6.72
N ARG A 1 10.67 -0.80 12.38
CA ARG A 1 12.05 -0.37 12.44
C ARG A 1 12.33 0.69 11.37
N GLY A 2 13.53 1.25 11.43
CA GLY A 2 13.94 2.27 10.48
C GLY A 2 14.54 1.65 9.23
N LEU A 3 15.82 1.31 9.32
CA LEU A 3 16.53 0.70 8.22
C LEU A 3 15.61 -0.30 7.52
N ARG A 4 15.85 -0.47 6.22
CA ARG A 4 15.05 -1.40 5.44
C ARG A 4 13.58 -1.31 5.84
N ARG A 5 12.88 -0.39 5.20
CA ARG A 5 11.46 -0.18 5.48
C ARG A 5 10.98 1.13 4.86
N LEU A 6 11.91 2.06 4.73
CA LEU A 6 11.59 3.36 4.17
C LEU A 6 11.39 3.22 2.65
N GLY A 7 12.37 2.58 2.02
CA GLY A 7 12.32 2.37 0.58
C GLY A 7 11.00 1.72 0.17
N ARG A 8 11.07 0.42 -0.05
CA ARG A 8 9.90 -0.34 -0.46
C ARG A 8 9.97 -1.76 0.10
N LYS A 9 9.72 -1.86 1.40
CA LYS A 9 9.75 -3.15 2.06
C LYS A 9 8.46 -3.34 2.85
N ILE A 10 8.05 -2.28 3.53
CA ILE A 10 6.84 -2.32 4.33
C ILE A 10 5.72 -2.95 3.51
N ALA A 11 5.52 -2.40 2.31
CA ALA A 11 4.49 -2.90 1.42
C ALA A 11 4.76 -2.39 0.00
N HIS A 12 3.91 -2.83 -0.92
CA HIS A 12 4.05 -2.42 -2.31
C HIS A 12 2.66 -2.34 -2.96
N GLY A 13 1.85 -3.33 -2.66
CA GLY A 13 0.50 -3.38 -3.20
C GLY A 13 -0.45 -2.48 -2.40
N VAL A 14 0.00 -2.11 -1.22
CA VAL A 14 -0.79 -1.24 -0.35
C VAL A 14 -0.92 0.14 -1.00
N LYS A 15 0.13 0.51 -1.73
CA LYS A 15 0.14 1.80 -2.40
C LYS A 15 -1.00 1.86 -3.42
N LYS A 16 -1.43 0.68 -3.85
CA LYS A 16 -2.51 0.58 -4.82
C LYS A 16 -3.76 0.04 -4.12
N TYR A 17 -3.53 -0.93 -3.25
CA TYR A 17 -4.62 -1.55 -2.51
C TYR A 17 -5.03 -0.69 -1.31
N GLY A 18 -4.02 -0.24 -0.58
CA GLY A 18 -4.25 0.59 0.59
C GLY A 18 -5.24 1.71 0.28
N PRO A 19 -4.98 2.41 -0.85
CA PRO A 19 -5.84 3.50 -1.26
C PRO A 19 -7.16 2.98 -1.85
N THR A 20 -7.03 1.89 -2.60
CA THR A 20 -8.20 1.28 -3.23
C THR A 20 -8.56 -0.03 -2.53
N VAL A 21 -8.75 0.07 -1.22
CA VAL A 21 -9.09 -1.09 -0.42
C VAL A 21 -10.35 -1.75 -0.99
N LEU A 22 -11.10 -2.39 -0.10
CA LEU A 22 -12.32 -3.06 -0.51
C LEU A 22 -11.98 -4.45 -1.06
N ARG A 23 -12.73 -5.44 -0.59
CA ARG A 23 -12.52 -6.80 -1.03
C ARG A 23 -11.03 -7.16 -0.97
N ILE A 24 -10.28 -6.30 -0.30
CA ILE A 24 -8.84 -6.51 -0.17
C ILE A 24 -8.41 -6.15 1.26
N ILE A 25 -8.82 -4.97 1.69
CA ILE A 25 -8.48 -4.50 3.03
C ILE A 25 -9.78 -4.28 3.83
N ARG A 26 -10.83 -3.92 3.10
CA ARG A 26 -12.11 -3.68 3.72
C ARG A 26 -11.94 -2.89 5.02
N ILE A 27 -10.78 -2.26 5.13
CA ILE A 27 -10.47 -1.47 6.32
C ILE A 27 -10.18 -0.02 5.89
N ALA A 28 -9.24 0.11 4.97
CA ALA A 28 -8.85 1.42 4.47
C ALA A 28 -8.11 2.18 5.57
N GLY A 29 -7.30 1.43 6.30
CA GLY A 29 -6.52 2.02 7.38
C GLY A 29 -7.27 3.18 8.04
N ARG A 1 4.85 -8.16 7.78
CA ARG A 1 6.17 -8.24 8.39
C ARG A 1 7.25 -7.88 7.39
N GLY A 2 8.47 -7.76 7.91
CA GLY A 2 9.60 -7.41 7.07
C GLY A 2 10.42 -6.27 7.69
N LEU A 3 11.55 -5.98 7.07
CA LEU A 3 12.43 -4.93 7.55
C LEU A 3 11.66 -3.61 7.60
N ARG A 4 12.40 -2.52 7.69
CA ARG A 4 11.80 -1.20 7.75
C ARG A 4 12.87 -0.13 7.62
N ARG A 5 13.29 0.12 6.39
CA ARG A 5 14.30 1.12 6.11
C ARG A 5 14.44 1.33 4.60
N LEU A 6 14.31 0.24 3.86
CA LEU A 6 14.42 0.29 2.42
C LEU A 6 13.23 1.05 1.85
N GLY A 7 12.27 1.33 2.72
CA GLY A 7 11.07 2.05 2.33
C GLY A 7 10.14 1.15 1.53
N ARG A 8 10.67 0.58 0.46
CA ARG A 8 9.90 -0.29 -0.39
C ARG A 8 9.95 -1.73 0.14
N LYS A 9 9.74 -1.85 1.44
CA LYS A 9 9.76 -3.16 2.08
C LYS A 9 8.46 -3.35 2.85
N ILE A 10 8.04 -2.30 3.55
CA ILE A 10 6.81 -2.35 4.33
C ILE A 10 5.70 -2.97 3.48
N ALA A 11 5.54 -2.43 2.28
CA ALA A 11 4.52 -2.91 1.37
C ALA A 11 4.80 -2.37 -0.04
N HIS A 12 3.97 -2.80 -0.97
CA HIS A 12 4.11 -2.37 -2.35
C HIS A 12 2.73 -2.29 -3.01
N GLY A 13 1.92 -3.30 -2.74
CA GLY A 13 0.58 -3.36 -3.30
C GLY A 13 -0.38 -2.48 -2.50
N VAL A 14 0.04 -2.12 -1.30
CA VAL A 14 -0.76 -1.29 -0.43
C VAL A 14 -0.91 0.10 -1.05
N LYS A 15 0.13 0.50 -1.77
CA LYS A 15 0.13 1.80 -2.42
C LYS A 15 -1.01 1.85 -3.44
N LYS A 16 -1.40 0.67 -3.90
CA LYS A 16 -2.47 0.58 -4.88
C LYS A 16 -3.73 0.00 -4.20
N TYR A 17 -3.49 -0.97 -3.34
CA TYR A 17 -4.58 -1.61 -2.62
C TYR A 17 -5.01 -0.79 -1.40
N GLY A 18 -4.00 -0.34 -0.66
CA GLY A 18 -4.25 0.46 0.52
C GLY A 18 -5.27 1.57 0.23
N PRO A 19 -5.01 2.31 -0.89
CA PRO A 19 -5.89 3.39 -1.28
C PRO A 19 -7.18 2.85 -1.90
N THR A 20 -7.04 1.75 -2.62
CA THR A 20 -8.19 1.12 -3.26
C THR A 20 -8.80 0.06 -2.35
N VAL A 21 -8.67 0.30 -1.06
CA VAL A 21 -9.21 -0.62 -0.07
C VAL A 21 -10.28 -1.49 -0.73
N LEU A 22 -9.85 -2.66 -1.18
CA LEU A 22 -10.76 -3.60 -1.82
C LEU A 22 -10.45 -5.02 -1.33
N ARG A 23 -11.47 -5.65 -0.77
CA ARG A 23 -11.32 -7.00 -0.27
C ARG A 23 -10.08 -7.11 0.62
N ILE A 24 -9.57 -5.95 1.01
CA ILE A 24 -8.39 -5.90 1.85
C ILE A 24 -8.71 -5.14 3.13
N ILE A 25 -9.23 -3.93 2.95
CA ILE A 25 -9.58 -3.08 4.08
C ILE A 25 -11.11 -2.93 4.13
N ARG A 26 -11.71 -2.89 2.96
CA ARG A 26 -13.16 -2.75 2.87
C ARG A 26 -13.66 -1.74 3.90
N ILE A 27 -12.73 -0.94 4.40
CA ILE A 27 -13.07 0.06 5.40
C ILE A 27 -12.67 1.44 4.87
N ALA A 28 -11.43 1.54 4.43
CA ALA A 28 -10.92 2.80 3.90
C ALA A 28 -10.72 3.79 5.05
N GLY A 29 -10.07 3.31 6.10
CA GLY A 29 -9.82 4.13 7.27
C GLY A 29 -8.94 5.34 6.90
N ARG A 1 19.94 -9.94 -4.24
CA ARG A 1 18.86 -9.19 -4.86
C ARG A 1 17.78 -8.87 -3.82
N GLY A 2 18.07 -7.89 -2.99
CA GLY A 2 17.15 -7.48 -1.95
C GLY A 2 17.25 -5.97 -1.68
N LEU A 3 16.32 -5.47 -0.89
CA LEU A 3 16.30 -4.07 -0.55
C LEU A 3 16.65 -3.90 0.93
N ARG A 4 16.48 -2.67 1.42
CA ARG A 4 16.77 -2.38 2.81
C ARG A 4 15.55 -2.67 3.68
N ARG A 5 14.66 -1.69 3.75
CA ARG A 5 13.45 -1.83 4.55
C ARG A 5 12.62 -0.56 4.47
N LEU A 6 13.32 0.57 4.39
CA LEU A 6 12.66 1.86 4.32
C LEU A 6 12.10 2.07 2.91
N GLY A 7 12.99 1.94 1.94
CA GLY A 7 12.61 2.11 0.55
C GLY A 7 11.22 1.54 0.29
N ARG A 8 11.19 0.29 -0.14
CA ARG A 8 9.95 -0.38 -0.43
C ARG A 8 9.97 -1.81 0.13
N LYS A 9 9.72 -1.91 1.42
CA LYS A 9 9.71 -3.21 2.08
C LYS A 9 8.41 -3.36 2.87
N ILE A 10 8.03 -2.29 3.54
CA ILE A 10 6.80 -2.30 4.33
C ILE A 10 5.67 -2.91 3.50
N ALA A 11 5.51 -2.39 2.29
CA ALA A 11 4.48 -2.88 1.40
C ALA A 11 4.75 -2.37 -0.01
N HIS A 12 3.90 -2.81 -0.93
CA HIS A 12 4.04 -2.40 -2.32
C HIS A 12 2.66 -2.31 -2.97
N GLY A 13 1.84 -3.30 -2.68
CA GLY A 13 0.49 -3.35 -3.22
C GLY A 13 -0.46 -2.45 -2.42
N VAL A 14 -0.01 -2.09 -1.23
CA VAL A 14 -0.80 -1.22 -0.37
C VAL A 14 -0.93 0.16 -1.01
N LYS A 15 0.11 0.53 -1.74
CA LYS A 15 0.13 1.83 -2.41
C LYS A 15 -1.02 1.89 -3.42
N LYS A 16 -1.44 0.71 -3.86
CA LYS A 16 -2.52 0.62 -4.83
C LYS A 16 -3.77 0.06 -4.13
N TYR A 17 -3.55 -0.90 -3.26
CA TYR A 17 -4.65 -1.52 -2.52
C TYR A 17 -5.03 -0.67 -1.31
N GLY A 18 -4.02 -0.22 -0.59
CA GLY A 18 -4.24 0.60 0.59
C GLY A 18 -5.25 1.71 0.30
N PRO A 19 -5.01 2.43 -0.82
CA PRO A 19 -5.88 3.52 -1.22
C PRO A 19 -7.19 2.98 -1.81
N THR A 20 -7.06 1.91 -2.59
CA THR A 20 -8.22 1.29 -3.20
C THR A 20 -8.52 -0.06 -2.56
N VAL A 21 -8.63 -0.04 -1.23
CA VAL A 21 -8.90 -1.25 -0.49
C VAL A 21 -10.28 -1.78 -0.87
N LEU A 22 -10.90 -1.09 -1.81
CA LEU A 22 -12.22 -1.47 -2.29
C LEU A 22 -12.10 -2.75 -3.12
N ARG A 23 -13.18 -3.53 -3.11
CA ARG A 23 -13.21 -4.77 -3.86
C ARG A 23 -11.93 -5.58 -3.60
N ILE A 24 -11.30 -5.28 -2.48
CA ILE A 24 -10.07 -5.96 -2.11
C ILE A 24 -10.03 -6.14 -0.59
N ILE A 25 -10.16 -5.03 0.11
CA ILE A 25 -10.15 -5.05 1.56
C ILE A 25 -11.45 -4.44 2.10
N ARG A 26 -12.01 -3.54 1.30
CA ARG A 26 -13.25 -2.88 1.67
C ARG A 26 -13.21 -2.48 3.16
N ILE A 27 -12.00 -2.41 3.69
CA ILE A 27 -11.82 -2.05 5.09
C ILE A 27 -10.98 -0.79 5.17
N ALA A 28 -9.80 -0.84 4.55
CA ALA A 28 -8.89 0.29 4.55
C ALA A 28 -8.06 0.26 5.83
N GLY A 29 -7.59 -0.92 6.16
CA GLY A 29 -6.77 -1.09 7.36
C GLY A 29 -5.38 -0.48 7.16
N ARG A 1 10.85 -7.11 -3.32
CA ARG A 1 10.92 -6.09 -2.29
C ARG A 1 12.31 -5.46 -2.26
N GLY A 2 13.17 -6.05 -1.44
CA GLY A 2 14.53 -5.56 -1.29
C GLY A 2 14.58 -4.03 -1.35
N LEU A 3 15.12 -3.52 -2.45
CA LEU A 3 15.23 -2.08 -2.63
C LEU A 3 15.72 -1.44 -1.34
N ARG A 4 16.67 -2.12 -0.70
CA ARG A 4 17.23 -1.63 0.55
C ARG A 4 16.17 -1.66 1.66
N ARG A 5 15.21 -0.77 1.55
CA ARG A 5 14.15 -0.68 2.53
C ARG A 5 13.26 0.53 2.25
N LEU A 6 13.88 1.57 1.71
CA LEU A 6 13.16 2.80 1.40
C LEU A 6 12.35 2.58 0.12
N GLY A 7 13.05 2.17 -0.93
CA GLY A 7 12.41 1.93 -2.21
C GLY A 7 11.01 1.34 -2.02
N ARG A 8 10.95 0.02 -2.05
CA ARG A 8 9.70 -0.69 -1.88
C ARG A 8 9.87 -1.90 -0.95
N LYS A 9 9.90 -1.61 0.34
CA LYS A 9 10.07 -2.65 1.33
C LYS A 9 8.95 -2.55 2.37
N ILE A 10 8.68 -1.31 2.76
CA ILE A 10 7.63 -1.05 3.75
C ILE A 10 6.38 -1.86 3.38
N ALA A 11 5.96 -1.72 2.13
CA ALA A 11 4.79 -2.42 1.64
C ALA A 11 4.76 -2.35 0.12
N HIS A 12 3.77 -3.02 -0.46
CA HIS A 12 3.62 -3.03 -1.90
C HIS A 12 2.13 -3.10 -2.25
N GLY A 13 1.42 -3.95 -1.52
CA GLY A 13 0.00 -4.12 -1.76
C GLY A 13 -0.80 -3.01 -1.09
N VAL A 14 -0.14 -2.32 -0.16
CA VAL A 14 -0.78 -1.23 0.55
C VAL A 14 -1.08 -0.09 -0.42
N LYS A 15 -0.23 0.04 -1.42
CA LYS A 15 -0.39 1.08 -2.42
C LYS A 15 -1.71 0.86 -3.16
N LYS A 16 -2.16 -0.37 -3.16
CA LYS A 16 -3.41 -0.72 -3.81
C LYS A 16 -4.48 -1.00 -2.75
N TYR A 17 -4.05 -1.68 -1.69
CA TYR A 17 -4.96 -2.02 -0.62
C TYR A 17 -5.14 -0.84 0.34
N GLY A 18 -4.02 -0.23 0.68
CA GLY A 18 -4.04 0.91 1.58
C GLY A 18 -5.10 1.93 1.16
N PRO A 19 -5.04 2.33 -0.13
CA PRO A 19 -5.98 3.29 -0.68
C PRO A 19 -7.35 2.64 -0.90
N THR A 20 -7.50 2.05 -2.08
CA THR A 20 -8.75 1.39 -2.42
C THR A 20 -8.67 0.82 -3.85
N VAL A 21 -7.80 1.42 -4.64
CA VAL A 21 -7.62 0.99 -6.01
C VAL A 21 -7.41 -0.53 -6.04
N LEU A 22 -7.06 -1.02 -7.23
CA LEU A 22 -6.83 -2.45 -7.40
C LEU A 22 -8.07 -3.09 -8.01
N ARG A 23 -9.06 -3.32 -7.16
CA ARG A 23 -10.31 -3.92 -7.60
C ARG A 23 -11.22 -2.87 -8.23
N ILE A 24 -10.64 -1.69 -8.45
CA ILE A 24 -11.38 -0.60 -9.04
C ILE A 24 -10.56 0.01 -10.17
N ILE A 25 -9.27 0.21 -9.89
CA ILE A 25 -8.36 0.79 -10.87
C ILE A 25 -7.37 -0.28 -11.33
N ARG A 26 -7.19 -1.27 -10.48
CA ARG A 26 -6.27 -2.36 -10.79
C ARG A 26 -4.97 -1.81 -11.37
N ILE A 27 -4.76 -0.52 -11.15
CA ILE A 27 -3.57 0.13 -11.65
C ILE A 27 -2.78 0.72 -10.47
N ALA A 28 -3.48 1.48 -9.65
CA ALA A 28 -2.87 2.09 -8.49
C ALA A 28 -1.77 3.06 -8.95
N GLY A 29 -2.02 3.69 -10.08
CA GLY A 29 -1.06 4.64 -10.63
C GLY A 29 -0.51 5.56 -9.55
N ARG A 1 7.13 9.92 0.21
CA ARG A 1 8.50 9.74 0.64
C ARG A 1 9.11 8.49 0.00
N GLY A 2 8.80 7.35 0.58
CA GLY A 2 9.30 6.09 0.07
C GLY A 2 10.83 6.07 0.06
N LEU A 3 11.38 5.18 0.86
CA LEU A 3 12.83 5.05 0.95
C LEU A 3 13.22 3.58 0.75
N ARG A 4 13.05 2.81 1.81
CA ARG A 4 13.38 1.39 1.76
C ARG A 4 12.94 0.70 3.06
N ARG A 5 11.83 1.18 3.60
CA ARG A 5 11.30 0.62 4.83
C ARG A 5 10.07 1.40 5.29
N LEU A 6 10.10 2.70 5.00
CA LEU A 6 9.00 3.57 5.37
C LEU A 6 7.75 3.17 4.59
N GLY A 7 7.98 2.64 3.40
CA GLY A 7 6.88 2.22 2.55
C GLY A 7 7.39 1.84 1.15
N ARG A 8 8.54 1.19 1.14
CA ARG A 8 9.14 0.76 -0.12
C ARG A 8 9.85 -0.57 0.05
N LYS A 9 9.52 -1.25 1.13
CA LYS A 9 10.12 -2.54 1.43
C LYS A 9 9.07 -3.45 2.08
N ILE A 10 8.68 -3.08 3.29
CA ILE A 10 7.70 -3.84 4.02
C ILE A 10 6.44 -3.99 3.17
N ALA A 11 5.85 -2.86 2.82
CA ALA A 11 4.64 -2.85 2.01
C ALA A 11 5.03 -2.65 0.54
N HIS A 12 4.00 -2.57 -0.29
CA HIS A 12 4.20 -2.39 -1.72
C HIS A 12 2.86 -2.31 -2.42
N GLY A 13 2.08 -3.38 -2.29
CA GLY A 13 0.77 -3.43 -2.91
C GLY A 13 -0.20 -2.47 -2.23
N VAL A 14 0.20 -2.00 -1.06
CA VAL A 14 -0.63 -1.07 -0.31
C VAL A 14 -0.81 0.22 -1.12
N LYS A 15 0.22 0.56 -1.88
CA LYS A 15 0.18 1.74 -2.70
C LYS A 15 -0.92 1.60 -3.75
N LYS A 16 -1.27 0.35 -4.03
CA LYS A 16 -2.30 0.07 -5.01
C LYS A 16 -3.56 -0.42 -4.28
N TYR A 17 -3.34 -1.24 -3.26
CA TYR A 17 -4.43 -1.78 -2.48
C TYR A 17 -4.90 -0.79 -1.41
N GLY A 18 -3.91 -0.23 -0.71
CA GLY A 18 -4.21 0.74 0.33
C GLY A 18 -5.27 1.74 -0.13
N PRO A 19 -5.05 2.27 -1.36
CA PRO A 19 -5.97 3.25 -1.94
C PRO A 19 -7.26 2.57 -2.41
N THR A 20 -7.11 1.35 -2.89
CA THR A 20 -8.24 0.59 -3.38
C THR A 20 -8.98 -0.07 -2.22
N VAL A 21 -9.35 0.77 -1.25
CA VAL A 21 -10.07 0.28 -0.08
C VAL A 21 -11.33 -0.45 -0.52
N LEU A 22 -12.25 -0.62 0.43
CA LEU A 22 -13.50 -1.29 0.15
C LEU A 22 -13.39 -2.76 0.57
N ARG A 23 -12.80 -3.56 -0.31
CA ARG A 23 -12.62 -4.98 -0.05
C ARG A 23 -11.36 -5.20 0.78
N ILE A 24 -11.00 -4.19 1.57
CA ILE A 24 -9.82 -4.28 2.40
C ILE A 24 -10.02 -3.41 3.64
N ILE A 25 -10.53 -2.21 3.42
CA ILE A 25 -10.78 -1.28 4.50
C ILE A 25 -12.29 -1.07 4.67
N ARG A 26 -13.00 -1.28 3.57
CA ARG A 26 -14.45 -1.12 3.56
C ARG A 26 -14.84 0.15 4.33
N ILE A 27 -13.86 1.03 4.51
CA ILE A 27 -14.09 2.27 5.21
C ILE A 27 -13.78 3.44 4.28
N ALA A 28 -12.59 3.39 3.69
CA ALA A 28 -12.16 4.44 2.78
C ALA A 28 -11.92 5.73 3.57
N GLY A 29 -11.34 5.56 4.75
CA GLY A 29 -11.04 6.70 5.61
C GLY A 29 -9.62 7.21 5.37
N ARG A 1 16.66 9.59 1.78
CA ARG A 1 17.75 9.02 2.55
C ARG A 1 17.43 7.57 2.91
N GLY A 2 18.12 6.66 2.24
CA GLY A 2 17.92 5.24 2.48
C GLY A 2 17.47 4.52 1.21
N LEU A 3 17.48 3.20 1.28
CA LEU A 3 17.07 2.39 0.14
C LEU A 3 16.35 1.14 0.64
N ARG A 4 15.20 0.88 0.05
CA ARG A 4 14.40 -0.28 0.42
C ARG A 4 13.94 -0.16 1.88
N ARG A 5 13.24 0.93 2.14
CA ARG A 5 12.74 1.18 3.48
C ARG A 5 11.90 2.46 3.51
N LEU A 6 12.33 3.43 2.71
CA LEU A 6 11.64 4.70 2.63
C LEU A 6 10.24 4.48 2.03
N GLY A 7 10.16 3.47 1.18
CA GLY A 7 8.89 3.15 0.53
C GLY A 7 9.09 2.09 -0.56
N ARG A 8 9.94 1.12 -0.25
CA ARG A 8 10.23 0.05 -1.18
C ARG A 8 10.48 -1.26 -0.43
N LYS A 9 10.05 -1.27 0.83
CA LYS A 9 10.23 -2.44 1.66
C LYS A 9 9.01 -2.59 2.59
N ILE A 10 8.61 -1.47 3.16
CA ILE A 10 7.48 -1.45 4.06
C ILE A 10 6.33 -2.26 3.46
N ALA A 11 6.01 -1.93 2.21
CA ALA A 11 4.94 -2.62 1.51
C ALA A 11 5.02 -2.30 0.02
N HIS A 12 4.14 -2.93 -0.74
CA HIS A 12 4.11 -2.72 -2.18
C HIS A 12 2.67 -2.83 -2.68
N GLY A 13 1.98 -3.83 -2.17
CA GLY A 13 0.59 -4.06 -2.55
C GLY A 13 -0.35 -3.13 -1.79
N VAL A 14 0.17 -2.57 -0.71
CA VAL A 14 -0.60 -1.66 0.12
C VAL A 14 -0.93 -0.40 -0.69
N LYS A 15 0.00 -0.04 -1.57
CA LYS A 15 -0.16 1.14 -2.40
C LYS A 15 -1.40 0.97 -3.27
N LYS A 16 -1.76 -0.29 -3.52
CA LYS A 16 -2.92 -0.60 -4.33
C LYS A 16 -4.03 -1.13 -3.43
N TYR A 17 -3.64 -1.96 -2.47
CA TYR A 17 -4.59 -2.55 -1.54
C TYR A 17 -4.95 -1.56 -0.44
N GLY A 18 -3.93 -0.91 0.10
CA GLY A 18 -4.13 0.06 1.16
C GLY A 18 -5.22 1.07 0.79
N PRO A 19 -5.02 1.72 -0.39
CA PRO A 19 -5.97 2.70 -0.88
C PRO A 19 -7.23 2.03 -1.41
N THR A 20 -7.02 0.94 -2.14
CA THR A 20 -8.13 0.20 -2.72
C THR A 20 -9.35 1.11 -2.90
N VAL A 21 -9.09 2.28 -3.44
CA VAL A 21 -10.15 3.26 -3.67
C VAL A 21 -11.47 2.51 -3.89
N LEU A 22 -12.52 3.08 -3.33
CA LEU A 22 -13.85 2.49 -3.44
C LEU A 22 -14.81 3.21 -2.50
N ARG A 23 -14.56 3.04 -1.21
CA ARG A 23 -15.39 3.66 -0.19
C ARG A 23 -14.71 4.92 0.36
N ILE A 24 -13.60 5.28 -0.28
CA ILE A 24 -12.85 6.45 0.13
C ILE A 24 -12.70 7.40 -1.06
N ILE A 25 -12.36 6.82 -2.20
CA ILE A 25 -12.18 7.59 -3.42
C ILE A 25 -13.24 7.19 -4.43
N ARG A 26 -13.53 5.89 -4.48
CA ARG A 26 -14.53 5.38 -5.40
C ARG A 26 -14.34 5.99 -6.79
N ILE A 27 -13.18 6.61 -6.98
CA ILE A 27 -12.85 7.23 -8.25
C ILE A 27 -11.58 6.61 -8.81
N ALA A 28 -10.57 6.54 -7.96
CA ALA A 28 -9.29 5.97 -8.35
C ALA A 28 -8.61 6.92 -9.34
N GLY A 29 -8.66 8.21 -9.01
CA GLY A 29 -8.05 9.22 -9.86
C GLY A 29 -6.54 9.26 -9.65
N ARG A 1 14.36 9.51 3.94
CA ARG A 1 13.79 8.46 3.11
C ARG A 1 14.77 8.06 2.00
N GLY A 2 15.23 6.82 2.10
CA GLY A 2 16.16 6.29 1.12
C GLY A 2 17.15 5.31 1.77
N LEU A 3 16.67 4.08 1.93
CA LEU A 3 17.49 3.05 2.53
C LEU A 3 16.92 1.68 2.15
N ARG A 4 17.56 0.64 2.68
CA ARG A 4 17.14 -0.73 2.39
C ARG A 4 15.99 -1.12 3.32
N ARG A 5 14.98 -0.26 3.35
CA ARG A 5 13.81 -0.52 4.19
C ARG A 5 12.83 0.65 4.09
N LEU A 6 13.39 1.84 3.94
CA LEU A 6 12.58 3.05 3.83
C LEU A 6 11.95 3.11 2.43
N GLY A 7 12.82 3.05 1.43
CA GLY A 7 12.37 3.10 0.05
C GLY A 7 11.04 2.36 -0.12
N ARG A 8 11.15 1.10 -0.49
CA ARG A 8 9.98 0.27 -0.69
C ARG A 8 10.19 -1.12 -0.07
N LYS A 9 10.00 -1.18 1.24
CA LYS A 9 10.18 -2.43 1.96
C LYS A 9 8.93 -2.70 2.80
N ILE A 10 8.45 -1.65 3.45
CA ILE A 10 7.27 -1.75 4.29
C ILE A 10 6.18 -2.54 3.54
N ALA A 11 5.92 -2.10 2.32
CA ALA A 11 4.91 -2.74 1.50
C ALA A 11 5.07 -2.28 0.05
N HIS A 12 4.25 -2.86 -0.81
CA HIS A 12 4.28 -2.50 -2.22
C HIS A 12 2.87 -2.61 -2.81
N GLY A 13 2.18 -3.68 -2.44
CA GLY A 13 0.84 -3.90 -2.92
C GLY A 13 -0.18 -3.08 -2.12
N VAL A 14 0.26 -2.61 -0.97
CA VAL A 14 -0.59 -1.80 -0.11
C VAL A 14 -0.90 -0.47 -0.81
N LYS A 15 0.06 -0.01 -1.59
CA LYS A 15 -0.10 1.23 -2.32
C LYS A 15 -1.28 1.11 -3.27
N LYS A 16 -1.58 -0.12 -3.65
CA LYS A 16 -2.68 -0.40 -4.56
C LYS A 16 -3.84 -1.04 -3.77
N TYR A 17 -3.47 -1.93 -2.87
CA TYR A 17 -4.45 -2.63 -2.07
C TYR A 17 -4.89 -1.76 -0.89
N GLY A 18 -3.92 -1.15 -0.23
CA GLY A 18 -4.20 -0.30 0.91
C GLY A 18 -5.31 0.71 0.57
N PRO A 19 -5.11 1.45 -0.54
CA PRO A 19 -6.08 2.43 -0.98
C PRO A 19 -7.30 1.77 -1.60
N THR A 20 -7.18 1.46 -2.88
CA THR A 20 -8.26 0.81 -3.60
C THR A 20 -9.61 1.35 -3.13
N VAL A 21 -9.59 2.60 -2.67
CA VAL A 21 -10.81 3.23 -2.19
C VAL A 21 -11.67 2.20 -1.48
N LEU A 22 -12.90 2.60 -1.17
CA LEU A 22 -13.83 1.72 -0.48
C LEU A 22 -13.82 2.03 1.01
N ARG A 23 -12.81 1.51 1.68
CA ARG A 23 -12.67 1.72 3.11
C ARG A 23 -11.98 3.06 3.39
N ILE A 24 -11.90 3.88 2.35
CA ILE A 24 -11.27 5.17 2.46
C ILE A 24 -12.16 6.22 1.80
N ILE A 25 -12.62 5.88 0.61
CA ILE A 25 -13.48 6.78 -0.15
C ILE A 25 -14.90 6.20 -0.21
N ARG A 26 -14.97 4.89 -0.07
CA ARG A 26 -16.25 4.21 -0.11
C ARG A 26 -17.11 4.75 -1.25
N ILE A 27 -16.44 5.42 -2.19
CA ILE A 27 -17.14 5.98 -3.33
C ILE A 27 -16.56 5.39 -4.61
N ALA A 28 -15.24 5.44 -4.72
CA ALA A 28 -14.57 4.90 -5.89
C ALA A 28 -14.89 5.77 -7.11
N GLY A 29 -14.83 7.08 -6.90
CA GLY A 29 -15.11 8.02 -7.97
C GLY A 29 -13.82 8.45 -8.68
N ARG A 1 10.05 -8.34 -9.18
CA ARG A 1 8.79 -8.75 -8.59
C ARG A 1 8.80 -8.53 -7.08
N GLY A 2 9.98 -8.67 -6.51
CA GLY A 2 10.16 -8.49 -5.07
C GLY A 2 11.47 -7.78 -4.77
N LEU A 3 11.60 -7.35 -3.52
CA LEU A 3 12.80 -6.67 -3.08
C LEU A 3 13.26 -7.25 -1.73
N ARG A 4 14.35 -6.70 -1.22
CA ARG A 4 14.90 -7.15 0.04
C ARG A 4 13.96 -6.78 1.18
N ARG A 5 13.77 -5.49 1.36
CA ARG A 5 12.91 -4.98 2.42
C ARG A 5 12.89 -3.46 2.41
N LEU A 6 14.04 -2.88 2.07
CA LEU A 6 14.17 -1.44 2.02
C LEU A 6 13.50 -0.91 0.75
N GLY A 7 13.93 -1.45 -0.38
CA GLY A 7 13.37 -1.04 -1.66
C GLY A 7 11.88 -0.80 -1.56
N ARG A 8 11.11 -1.83 -1.88
CA ARG A 8 9.66 -1.74 -1.83
C ARG A 8 9.08 -2.98 -1.15
N LYS A 9 9.08 -2.95 0.17
CA LYS A 9 8.55 -4.06 0.94
C LYS A 9 7.57 -3.54 1.99
N ILE A 10 7.99 -2.46 2.65
CA ILE A 10 7.16 -1.84 3.68
C ILE A 10 5.77 -1.54 3.10
N ALA A 11 5.77 -0.76 2.03
CA ALA A 11 4.53 -0.39 1.38
C ALA A 11 4.15 -1.47 0.36
N HIS A 12 3.91 -1.03 -0.87
CA HIS A 12 3.54 -1.96 -1.92
C HIS A 12 2.46 -2.91 -1.42
N GLY A 13 1.26 -2.74 -1.95
CA GLY A 13 0.14 -3.58 -1.57
C GLY A 13 -0.75 -2.87 -0.54
N VAL A 14 -0.30 -1.69 -0.13
CA VAL A 14 -1.04 -0.91 0.85
C VAL A 14 -1.09 0.56 0.38
N LYS A 15 0.04 1.03 -0.11
CA LYS A 15 0.13 2.39 -0.59
C LYS A 15 -0.64 2.53 -1.89
N LYS A 16 -0.65 1.45 -2.66
CA LYS A 16 -1.36 1.44 -3.94
C LYS A 16 -2.60 0.55 -3.81
N TYR A 17 -2.45 -0.51 -3.03
CA TYR A 17 -3.55 -1.44 -2.83
C TYR A 17 -4.48 -0.94 -1.71
N GLY A 18 -3.87 -0.51 -0.62
CA GLY A 18 -4.62 -0.02 0.52
C GLY A 18 -5.71 0.96 0.07
N PRO A 19 -5.31 1.90 -0.80
CA PRO A 19 -6.23 2.90 -1.31
C PRO A 19 -7.17 2.29 -2.36
N THR A 20 -6.65 1.32 -3.08
CA THR A 20 -7.43 0.65 -4.11
C THR A 20 -8.13 -0.58 -3.53
N VAL A 21 -8.61 -0.43 -2.30
CA VAL A 21 -9.30 -1.51 -1.62
C VAL A 21 -9.99 -2.40 -2.67
N LEU A 22 -10.00 -3.69 -2.37
CA LEU A 22 -10.61 -4.65 -3.27
C LEU A 22 -10.24 -6.07 -2.82
N ARG A 23 -9.00 -6.44 -3.13
CA ARG A 23 -8.50 -7.76 -2.76
C ARG A 23 -7.81 -7.71 -1.39
N ILE A 24 -7.95 -6.57 -0.73
CA ILE A 24 -7.35 -6.38 0.57
C ILE A 24 -8.44 -5.98 1.58
N ILE A 25 -9.26 -5.03 1.17
CA ILE A 25 -10.34 -4.55 2.02
C ILE A 25 -11.68 -4.96 1.41
N ARG A 26 -11.74 -4.87 0.09
CA ARG A 26 -12.95 -5.22 -0.63
C ARG A 26 -14.18 -4.61 0.06
N ILE A 27 -13.91 -3.67 0.95
CA ILE A 27 -14.97 -3.00 1.68
C ILE A 27 -14.89 -1.49 1.42
N ALA A 28 -13.69 -0.96 1.58
CA ALA A 28 -13.47 0.46 1.36
C ALA A 28 -14.20 1.25 2.45
N GLY A 29 -14.06 0.78 3.68
CA GLY A 29 -14.69 1.43 4.81
C GLY A 29 -14.40 2.93 4.82
N ARG A 1 8.54 -12.14 -0.37
CA ARG A 1 8.21 -11.49 0.88
C ARG A 1 9.47 -11.25 1.71
N GLY A 2 10.31 -12.28 1.77
CA GLY A 2 11.55 -12.18 2.51
C GLY A 2 12.61 -11.42 1.72
N LEU A 3 12.61 -11.64 0.42
CA LEU A 3 13.57 -10.99 -0.46
C LEU A 3 13.44 -9.47 -0.30
N ARG A 4 14.59 -8.81 -0.30
CA ARG A 4 14.63 -7.36 -0.15
C ARG A 4 13.75 -6.93 1.03
N ARG A 5 13.65 -5.63 1.20
CA ARG A 5 12.85 -5.07 2.28
C ARG A 5 12.88 -3.55 2.23
N LEU A 6 14.03 -3.01 1.84
CA LEU A 6 14.20 -1.57 1.75
C LEU A 6 13.50 -1.06 0.49
N GLY A 7 13.88 -1.64 -0.64
CA GLY A 7 13.30 -1.26 -1.91
C GLY A 7 11.80 -0.98 -1.77
N ARG A 8 11.00 -2.00 -2.05
CA ARG A 8 9.56 -1.89 -1.96
C ARG A 8 8.98 -3.10 -1.23
N LYS A 9 8.99 -3.02 0.10
CA LYS A 9 8.47 -4.10 0.91
C LYS A 9 7.52 -3.52 1.96
N ILE A 10 7.96 -2.44 2.58
CA ILE A 10 7.17 -1.78 3.60
C ILE A 10 5.77 -1.47 3.04
N ALA A 11 5.77 -0.72 1.95
CA ALA A 11 4.52 -0.35 1.31
C ALA A 11 4.10 -1.46 0.34
N HIS A 12 3.83 -1.05 -0.90
CA HIS A 12 3.43 -2.00 -1.93
C HIS A 12 2.35 -2.93 -1.37
N GLY A 13 1.13 -2.74 -1.87
CA GLY A 13 0.02 -3.56 -1.43
C GLY A 13 -0.83 -2.82 -0.40
N VAL A 14 -0.37 -1.63 -0.04
CA VAL A 14 -1.07 -0.81 0.94
C VAL A 14 -1.10 0.63 0.45
N LYS A 15 0.03 1.08 -0.08
CA LYS A 15 0.14 2.43 -0.59
C LYS A 15 -0.66 2.56 -1.89
N LYS A 16 -0.70 1.46 -2.62
CA LYS A 16 -1.43 1.44 -3.88
C LYS A 16 -2.68 0.56 -3.73
N TYR A 17 -2.53 -0.49 -2.92
CA TYR A 17 -3.63 -1.40 -2.68
C TYR A 17 -4.54 -0.89 -1.56
N GLY A 18 -3.90 -0.42 -0.50
CA GLY A 18 -4.65 0.10 0.65
C GLY A 18 -5.72 1.10 0.19
N PRO A 19 -5.30 2.02 -0.72
CA PRO A 19 -6.21 3.03 -1.23
C PRO A 19 -7.18 2.42 -2.24
N THR A 20 -6.65 1.53 -3.06
CA THR A 20 -7.45 0.87 -4.07
C THR A 20 -7.73 -0.59 -3.68
N VAL A 21 -8.32 -0.75 -2.51
CA VAL A 21 -8.64 -2.07 -2.00
C VAL A 21 -9.47 -2.82 -3.04
N LEU A 22 -10.23 -3.79 -2.56
CA LEU A 22 -11.08 -4.59 -3.43
C LEU A 22 -10.26 -5.77 -3.97
N ARG A 23 -10.87 -6.95 -3.86
CA ARG A 23 -10.22 -8.16 -4.33
C ARG A 23 -8.79 -8.23 -3.81
N ILE A 24 -8.49 -7.37 -2.87
CA ILE A 24 -7.16 -7.31 -2.27
C ILE A 24 -7.29 -7.15 -0.75
N ILE A 25 -8.08 -6.17 -0.37
CA ILE A 25 -8.30 -5.89 1.05
C ILE A 25 -9.79 -6.02 1.36
N ARG A 26 -10.60 -5.80 0.34
CA ARG A 26 -12.04 -5.88 0.49
C ARG A 26 -12.47 -5.23 1.81
N ILE A 27 -11.65 -4.32 2.28
CA ILE A 27 -11.92 -3.62 3.53
C ILE A 27 -12.10 -2.13 3.24
N ALA A 28 -11.08 -1.55 2.63
CA ALA A 28 -11.12 -0.13 2.30
C ALA A 28 -11.01 0.70 3.58
N GLY A 29 -10.04 0.32 4.41
CA GLY A 29 -9.82 1.01 5.67
C GLY A 29 -8.92 2.23 5.47
N ARG A 1 12.25 1.97 -5.21
CA ARG A 1 13.56 2.29 -5.78
C ARG A 1 14.52 2.74 -4.67
N GLY A 2 15.12 1.76 -4.01
CA GLY A 2 16.05 2.05 -2.94
C GLY A 2 16.57 0.75 -2.32
N LEU A 3 16.91 0.84 -1.04
CA LEU A 3 17.42 -0.31 -0.31
C LEU A 3 16.38 -1.44 -0.37
N ARG A 4 16.72 -2.54 0.30
CA ARG A 4 15.83 -3.70 0.33
C ARG A 4 14.77 -3.53 1.42
N ARG A 5 13.82 -2.64 1.14
CA ARG A 5 12.75 -2.37 2.08
C ARG A 5 11.85 -1.25 1.55
N LEU A 6 12.47 -0.33 0.84
CA LEU A 6 11.73 0.79 0.28
C LEU A 6 10.95 0.32 -0.95
N GLY A 7 11.67 -0.28 -1.89
CA GLY A 7 11.06 -0.77 -3.10
C GLY A 7 9.68 -1.36 -2.83
N ARG A 8 9.66 -2.66 -2.58
CA ARG A 8 8.41 -3.35 -2.29
C ARG A 8 8.53 -4.17 -1.01
N LYS A 9 8.47 -3.47 0.11
CA LYS A 9 8.57 -4.11 1.41
C LYS A 9 7.64 -3.41 2.40
N ILE A 10 8.03 -2.20 2.77
CA ILE A 10 7.25 -1.42 3.71
C ILE A 10 5.88 -1.14 3.11
N ALA A 11 5.87 -0.33 2.06
CA ALA A 11 4.63 0.03 1.39
C ALA A 11 4.35 -0.99 0.29
N HIS A 12 4.07 -0.47 -0.89
CA HIS A 12 3.77 -1.34 -2.03
C HIS A 12 2.79 -2.42 -1.61
N GLY A 13 1.56 -2.29 -2.12
CA GLY A 13 0.52 -3.26 -1.80
C GLY A 13 -0.41 -2.72 -0.71
N VAL A 14 -0.07 -1.55 -0.21
CA VAL A 14 -0.86 -0.91 0.83
C VAL A 14 -1.03 0.58 0.51
N LYS A 15 0.07 1.18 0.06
CA LYS A 15 0.05 2.58 -0.28
C LYS A 15 -0.74 2.79 -1.58
N LYS A 16 -0.66 1.78 -2.44
CA LYS A 16 -1.37 1.83 -3.70
C LYS A 16 -2.52 0.83 -3.69
N TYR A 17 -2.28 -0.28 -3.00
CA TYR A 17 -3.30 -1.32 -2.90
C TYR A 17 -4.27 -1.03 -1.75
N GLY A 18 -3.70 -0.63 -0.63
CA GLY A 18 -4.49 -0.32 0.56
C GLY A 18 -5.65 0.61 0.20
N PRO A 19 -5.33 1.65 -0.61
CA PRO A 19 -6.33 2.62 -1.04
C PRO A 19 -7.24 2.03 -2.11
N THR A 20 -6.64 1.25 -3.00
CA THR A 20 -7.37 0.62 -4.08
C THR A 20 -7.89 -0.75 -3.64
N VAL A 21 -8.71 -0.73 -2.58
CA VAL A 21 -9.27 -1.96 -2.06
C VAL A 21 -9.98 -2.72 -3.19
N LEU A 22 -10.90 -3.58 -2.79
CA LEU A 22 -11.64 -4.37 -3.76
C LEU A 22 -10.92 -5.69 -3.99
N ARG A 23 -11.67 -6.78 -3.86
CA ARG A 23 -11.12 -8.11 -4.06
C ARG A 23 -9.80 -8.25 -3.29
N ILE A 24 -9.56 -7.30 -2.40
CA ILE A 24 -8.35 -7.31 -1.61
C ILE A 24 -8.70 -6.96 -0.16
N ILE A 25 -9.44 -5.88 0.00
CA ILE A 25 -9.86 -5.43 1.32
C ILE A 25 -11.38 -5.44 1.41
N ARG A 26 -12.01 -5.21 0.26
CA ARG A 26 -13.46 -5.18 0.20
C ARG A 26 -14.03 -4.44 1.40
N ILE A 27 -13.18 -3.63 2.02
CA ILE A 27 -13.58 -2.86 3.18
C ILE A 27 -13.37 -1.37 2.89
N ALA A 28 -12.14 -1.05 2.53
CA ALA A 28 -11.78 0.33 2.23
C ALA A 28 -11.94 1.18 3.48
N GLY A 29 -11.60 0.57 4.61
CA GLY A 29 -11.70 1.26 5.89
C GLY A 29 -10.42 2.04 6.20
N ARG A 1 12.13 -11.87 -9.68
CA ARG A 1 12.55 -12.33 -8.37
C ARG A 1 11.72 -11.66 -7.28
N GLY A 2 11.95 -12.10 -6.04
CA GLY A 2 11.23 -11.55 -4.91
C GLY A 2 12.06 -11.66 -3.63
N LEU A 3 13.06 -10.78 -3.52
CA LEU A 3 13.91 -10.78 -2.36
C LEU A 3 14.43 -9.35 -2.12
N ARG A 4 13.92 -8.75 -1.05
CA ARG A 4 14.32 -7.40 -0.70
C ARG A 4 13.62 -6.96 0.58
N ARG A 5 13.65 -5.66 0.83
CA ARG A 5 13.02 -5.10 2.01
C ARG A 5 13.12 -3.57 1.99
N LEU A 6 14.25 -3.09 1.50
CA LEU A 6 14.49 -1.66 1.42
C LEU A 6 13.69 -1.07 0.26
N GLY A 7 13.87 -1.67 -0.92
CA GLY A 7 13.18 -1.23 -2.11
C GLY A 7 11.69 -1.01 -1.82
N ARG A 8 10.90 -1.99 -2.23
CA ARG A 8 9.46 -1.92 -2.03
C ARG A 8 8.97 -3.14 -1.25
N LYS A 9 8.97 -3.01 0.07
CA LYS A 9 8.53 -4.09 0.93
C LYS A 9 7.57 -3.54 1.99
N ILE A 10 8.01 -2.48 2.64
CA ILE A 10 7.21 -1.85 3.68
C ILE A 10 5.82 -1.54 3.11
N ALA A 11 5.81 -0.77 2.04
CA ALA A 11 4.56 -0.38 1.40
C ALA A 11 4.14 -1.48 0.41
N HIS A 12 3.89 -1.05 -0.82
CA HIS A 12 3.49 -1.98 -1.86
C HIS A 12 2.41 -2.91 -1.33
N GLY A 13 1.20 -2.72 -1.86
CA GLY A 13 0.07 -3.53 -1.45
C GLY A 13 -0.79 -2.79 -0.43
N VAL A 14 -0.33 -1.61 -0.05
CA VAL A 14 -1.04 -0.79 0.91
C VAL A 14 -1.08 0.65 0.43
N LYS A 15 0.05 1.11 -0.08
CA LYS A 15 0.16 2.46 -0.59
C LYS A 15 -0.65 2.59 -1.88
N LYS A 16 -0.66 1.50 -2.63
CA LYS A 16 -1.39 1.47 -3.90
C LYS A 16 -2.63 0.59 -3.75
N TYR A 17 -2.48 -0.45 -2.95
CA TYR A 17 -3.58 -1.37 -2.71
C TYR A 17 -4.49 -0.86 -1.59
N GLY A 18 -3.87 -0.39 -0.52
CA GLY A 18 -4.61 0.12 0.62
C GLY A 18 -5.70 1.08 0.17
N PRO A 19 -5.31 2.01 -0.76
CA PRO A 19 -6.25 2.99 -1.28
C PRO A 19 -7.22 2.35 -2.27
N THR A 20 -6.67 1.45 -3.08
CA THR A 20 -7.47 0.75 -4.07
C THR A 20 -7.88 -0.63 -3.57
N VAL A 21 -8.76 -0.64 -2.58
CA VAL A 21 -9.24 -1.88 -2.00
C VAL A 21 -9.12 -2.99 -3.04
N LEU A 22 -8.09 -3.80 -2.88
CA LEU A 22 -7.85 -4.91 -3.79
C LEU A 22 -7.29 -6.10 -3.01
N ARG A 23 -8.02 -7.20 -3.06
CA ARG A 23 -7.60 -8.41 -2.37
C ARG A 23 -7.16 -8.08 -0.94
N ILE A 24 -7.57 -6.90 -0.49
CA ILE A 24 -7.24 -6.45 0.85
C ILE A 24 -8.52 -6.08 1.60
N ILE A 25 -9.32 -5.24 0.97
CA ILE A 25 -10.57 -4.81 1.56
C ILE A 25 -11.74 -5.31 0.70
N ARG A 26 -11.52 -5.27 -0.61
CA ARG A 26 -12.54 -5.71 -1.54
C ARG A 26 -13.92 -5.20 -1.12
N ILE A 27 -13.89 -4.21 -0.23
CA ILE A 27 -15.13 -3.63 0.27
C ILE A 27 -15.13 -2.13 -0.03
N ALA A 28 -14.05 -1.48 0.37
CA ALA A 28 -13.92 -0.05 0.15
C ALA A 28 -14.63 0.71 1.28
N GLY A 29 -14.15 0.48 2.49
CA GLY A 29 -14.73 1.13 3.65
C GLY A 29 -14.04 2.47 3.95
#